data_8EQC
#
_entry.id   8EQC
#
_cell.length_a   75.299
_cell.length_b   117.721
_cell.length_c   136.145
_cell.angle_alpha   90.000
_cell.angle_beta   90.000
_cell.angle_gamma   90.000
#
_symmetry.space_group_name_H-M   'P 21 21 21'
#
loop_
_entity.id
_entity.type
_entity.pdbx_description
1 polymer '3H03 Fab light chain'
2 polymer '3H03 Fab heavy chain'
3 non-polymer 'PHOSPHATE ION'
4 water water
#
loop_
_entity_poly.entity_id
_entity_poly.type
_entity_poly.pdbx_seq_one_letter_code
_entity_poly.pdbx_strand_id
1 'polypeptide(L)'
;DIQMTQSPSSLSTSVGDRVTITCRASQTISTYLNWYQQKPGKAPELLIYVASSLQSGVPSRFSGTGSGTEFTLTISSLQP
GDFATYYCQQSYSSPFTFGQGTKVEIKRTVAAPSVFIFPPSDEQLKSGTASVVCLLNNFYPREAKVQWKVDNALQSGNSQ
ESVTEQDSKDSTYSLSSTLTLSKADYEKHKVYACEVTHQGLSSPVTKSFNRGEC
;
L,A
2 'polypeptide(L)'
;QVQLQESGPGLVKPSETLSLTCTVSGDSISSSYYYWGWIRQSPVKGLEWIGSFFYSGNTNYNPSLKSRVTISVDTSKNQF
SLNLRSVTAADTAVYYCARHVTSISSWNRGVYLDSWGRGALVTVSSASTKGPSVFPLAPSSKSTSGGTAALGCLVKDYFP
EPVTVSWNSGALTSGVHTFPAVLQSSGLYSLSSVVTVPSSSLGTQTYICNVNHKPSNTKVDKRVEPKSC
;
H,B
#
loop_
_chem_comp.id
_chem_comp.type
_chem_comp.name
_chem_comp.formula
PO4 non-polymer 'PHOSPHATE ION' 'O4 P -3'
#
# COMPACT_ATOMS: atom_id res chain seq x y z
N ASP A 1 -7.92 -29.30 9.26
CA ASP A 1 -7.04 -30.00 10.19
C ASP A 1 -6.14 -28.96 10.88
N ILE A 2 -5.00 -28.61 10.28
CA ILE A 2 -4.08 -27.64 10.86
C ILE A 2 -3.96 -26.45 9.93
N GLN A 3 -4.40 -25.28 10.41
CA GLN A 3 -4.37 -24.05 9.65
C GLN A 3 -3.21 -23.17 10.10
N MET A 4 -2.51 -22.57 9.13
CA MET A 4 -1.38 -21.69 9.40
C MET A 4 -1.76 -20.25 9.07
N THR A 5 -1.42 -19.34 9.98
CA THR A 5 -1.66 -17.92 9.79
C THR A 5 -0.37 -17.14 9.99
N GLN A 6 0.00 -16.33 9.00
CA GLN A 6 1.21 -15.52 9.05
C GLN A 6 0.87 -14.08 9.33
N SER A 7 1.82 -13.37 9.92
CA SER A 7 1.74 -11.93 10.10
C SER A 7 3.15 -11.36 9.97
N PRO A 8 3.29 -10.15 9.40
CA PRO A 8 2.17 -9.42 8.82
C PRO A 8 1.77 -9.98 7.46
N SER A 9 0.71 -9.44 6.86
CA SER A 9 0.35 -9.89 5.52
C SER A 9 1.21 -9.21 4.46
N SER A 10 1.65 -7.99 4.73
CA SER A 10 2.55 -7.26 3.84
C SER A 10 3.30 -6.22 4.66
N LEU A 11 4.53 -5.91 4.23
CA LEU A 11 5.34 -4.91 4.90
C LEU A 11 6.31 -4.29 3.89
N SER A 12 6.73 -3.06 4.19
CA SER A 12 7.69 -2.33 3.37
C SER A 12 8.78 -1.80 4.29
N THR A 13 10.03 -2.19 4.03
CA THR A 13 11.16 -1.78 4.86
C THR A 13 12.34 -1.43 3.96
N SER A 14 13.27 -0.67 4.52
CA SER A 14 14.45 -0.23 3.79
C SER A 14 15.52 -1.32 3.74
N VAL A 15 16.48 -1.15 2.83
CA VAL A 15 17.59 -2.09 2.71
C VAL A 15 18.47 -2.00 3.94
N GLY A 16 18.86 -3.16 4.46
CA GLY A 16 19.67 -3.22 5.67
C GLY A 16 18.87 -3.33 6.96
N ASP A 17 17.54 -3.27 6.87
CA ASP A 17 16.68 -3.33 8.05
C ASP A 17 16.37 -4.78 8.41
N ARG A 18 16.03 -4.99 9.67
CA ARG A 18 15.58 -6.29 10.14
C ARG A 18 14.12 -6.50 9.75
N VAL A 19 13.82 -7.71 9.27
CA VAL A 19 12.46 -8.13 8.95
C VAL A 19 12.11 -9.30 9.86
N THR A 20 10.92 -9.26 10.46
CA THR A 20 10.44 -10.29 11.35
C THR A 20 9.08 -10.79 10.86
N ILE A 21 9.00 -12.07 10.49
CA ILE A 21 7.77 -12.69 10.03
C ILE A 21 7.33 -13.70 11.08
N THR A 22 6.06 -13.64 11.48
CA THR A 22 5.50 -14.53 12.48
C THR A 22 4.52 -15.51 11.82
N CYS A 23 4.58 -16.76 12.25
CA CYS A 23 3.67 -17.82 11.79
C CYS A 23 3.08 -18.51 13.00
N ARG A 24 1.75 -18.65 13.03
CA ARG A 24 1.06 -19.33 14.12
C ARG A 24 0.30 -20.53 13.57
N ALA A 25 0.40 -21.66 14.27
CA ALA A 25 -0.29 -22.88 13.91
C ALA A 25 -1.52 -23.06 14.79
N SER A 26 -2.60 -23.58 14.20
CA SER A 26 -3.84 -23.76 14.93
C SER A 26 -3.74 -24.86 16.00
N GLN A 27 -2.76 -25.75 15.90
CA GLN A 27 -2.47 -26.69 16.96
C GLN A 27 -0.97 -26.94 16.97
N THR A 28 -0.49 -27.56 18.04
CA THR A 28 0.95 -27.72 18.23
C THR A 28 1.52 -28.66 17.15
N ILE A 29 2.64 -28.24 16.56
CA ILE A 29 3.24 -28.99 15.45
C ILE A 29 4.71 -29.25 15.74
N SER A 30 5.08 -29.18 17.03
CA SER A 30 6.45 -29.44 17.49
C SER A 30 7.38 -28.48 16.76
N THR A 31 8.38 -28.96 16.01
CA THR A 31 9.25 -28.11 15.21
C THR A 31 9.05 -28.34 13.71
N TYR A 32 7.95 -28.99 13.33
CA TYR A 32 7.74 -29.45 11.96
C TYR A 32 7.15 -28.31 11.11
N LEU A 33 8.00 -27.32 10.88
CA LEU A 33 7.58 -26.05 10.27
C LEU A 33 8.69 -25.63 9.32
N ASN A 34 8.34 -25.42 8.06
CA ASN A 34 9.30 -25.02 7.03
C ASN A 34 8.96 -23.61 6.53
N TRP A 35 9.99 -22.91 6.04
CA TRP A 35 9.86 -21.56 5.50
C TRP A 35 10.33 -21.53 4.05
N TYR A 36 9.51 -20.95 3.18
CA TYR A 36 9.84 -20.86 1.76
C TYR A 36 9.83 -19.41 1.31
N GLN A 37 10.65 -19.13 0.30
CA GLN A 37 10.72 -17.83 -0.34
C GLN A 37 10.36 -17.98 -1.80
N GLN A 38 9.39 -17.18 -2.27
CA GLN A 38 8.98 -17.23 -3.66
C GLN A 38 9.18 -15.86 -4.30
N LYS A 39 10.05 -15.81 -5.30
CA LYS A 39 10.30 -14.59 -6.06
C LYS A 39 9.42 -14.58 -7.30
N PRO A 40 9.23 -13.41 -7.92
CA PRO A 40 8.32 -13.32 -9.07
C PRO A 40 8.67 -14.29 -10.18
N GLY A 41 7.65 -15.01 -10.65
CA GLY A 41 7.80 -15.95 -11.75
C GLY A 41 8.50 -17.24 -11.42
N LYS A 42 8.92 -17.43 -10.17
CA LYS A 42 9.72 -18.57 -9.77
C LYS A 42 8.92 -19.46 -8.82
N ALA A 43 9.36 -20.71 -8.73
CA ALA A 43 8.83 -21.61 -7.73
C ALA A 43 9.28 -21.18 -6.33
N PRO A 44 8.54 -21.57 -5.30
CA PRO A 44 9.05 -21.37 -3.93
C PRO A 44 10.36 -22.12 -3.73
N GLU A 45 11.26 -21.51 -2.96
CA GLU A 45 12.53 -22.12 -2.59
C GLU A 45 12.57 -22.32 -1.09
N LEU A 46 13.10 -23.46 -0.66
CA LEU A 46 13.23 -23.74 0.77
C LEU A 46 14.31 -22.87 1.38
N LEU A 47 13.94 -22.13 2.44
CA LEU A 47 14.86 -21.35 3.25
C LEU A 47 15.28 -22.09 4.50
N ILE A 48 14.31 -22.55 5.28
CA ILE A 48 14.54 -23.10 6.61
C ILE A 48 13.63 -24.31 6.77
N TYR A 49 14.18 -25.42 7.24
CA TYR A 49 13.39 -26.61 7.48
C TYR A 49 13.49 -26.99 8.95
N VAL A 50 12.42 -27.62 9.45
CA VAL A 50 12.29 -28.03 10.85
C VAL A 50 12.58 -26.84 11.75
N ALA A 51 11.92 -25.72 11.48
CA ALA A 51 11.87 -24.54 12.34
C ALA A 51 13.14 -23.70 12.34
N SER A 52 14.32 -24.34 12.36
CA SER A 52 15.54 -23.56 12.54
C SER A 52 16.74 -23.99 11.70
N SER A 53 16.66 -25.07 10.93
CA SER A 53 17.80 -25.53 10.16
C SER A 53 17.89 -24.76 8.84
N LEU A 54 19.04 -24.11 8.62
CA LEU A 54 19.27 -23.35 7.39
C LEU A 54 19.55 -24.30 6.23
N GLN A 55 18.78 -24.14 5.15
CA GLN A 55 19.05 -24.92 3.95
C GLN A 55 20.41 -24.56 3.37
N SER A 56 21.11 -25.57 2.86
CA SER A 56 22.41 -25.36 2.23
C SER A 56 22.32 -24.35 1.11
N GLY A 57 23.18 -23.34 1.15
CA GLY A 57 23.22 -22.31 0.12
C GLY A 57 22.36 -21.09 0.40
N VAL A 58 21.59 -21.08 1.48
CA VAL A 58 20.80 -19.90 1.83
C VAL A 58 21.68 -18.95 2.64
N PRO A 59 21.73 -17.66 2.29
CA PRO A 59 22.58 -16.73 3.04
C PRO A 59 22.21 -16.67 4.51
N SER A 60 23.23 -16.38 5.33
CA SER A 60 23.09 -16.45 6.78
C SER A 60 22.24 -15.34 7.39
N ARG A 61 21.80 -14.34 6.62
CA ARG A 61 20.90 -13.35 7.18
C ARG A 61 19.51 -13.89 7.44
N PHE A 62 19.17 -15.06 6.89
CA PHE A 62 17.92 -15.73 7.18
C PHE A 62 18.08 -16.67 8.37
N SER A 63 17.09 -16.67 9.27
CA SER A 63 17.11 -17.59 10.40
C SER A 63 15.68 -17.80 10.88
N GLY A 64 15.44 -18.96 11.47
CA GLY A 64 14.13 -19.31 11.96
C GLY A 64 14.21 -19.84 13.38
N THR A 65 13.14 -19.57 14.14
CA THR A 65 13.04 -20.01 15.52
C THR A 65 11.61 -20.45 15.80
N GLY A 66 11.44 -21.19 16.89
CA GLY A 66 10.12 -21.52 17.38
C GLY A 66 9.82 -22.99 17.54
N SER A 67 8.82 -23.30 18.36
CA SER A 67 8.26 -24.63 18.47
C SER A 67 6.86 -24.50 19.05
N GLY A 68 6.09 -25.58 18.97
CA GLY A 68 4.72 -25.56 19.45
C GLY A 68 3.77 -24.92 18.47
N THR A 69 3.39 -23.66 18.70
CA THR A 69 2.47 -22.97 17.83
C THR A 69 3.00 -21.66 17.26
N GLU A 70 4.12 -21.13 17.77
CA GLU A 70 4.59 -19.80 17.42
C GLU A 70 5.97 -19.94 16.78
N PHE A 71 6.11 -19.43 15.57
CA PHE A 71 7.35 -19.53 14.81
C PHE A 71 7.68 -18.18 14.19
N THR A 72 8.98 -17.95 13.99
CA THR A 72 9.48 -16.66 13.52
C THR A 72 10.54 -16.86 12.45
N LEU A 73 10.40 -16.16 11.33
CA LEU A 73 11.45 -16.05 10.33
C LEU A 73 12.02 -14.64 10.42
N THR A 74 13.34 -14.54 10.46
CA THR A 74 14.00 -13.25 10.58
C THR A 74 15.00 -13.08 9.44
N ILE A 75 15.01 -11.89 8.86
CA ILE A 75 16.05 -11.45 7.94
C ILE A 75 16.81 -10.32 8.65
N SER A 76 18.10 -10.55 8.90
CA SER A 76 18.84 -9.60 9.73
C SER A 76 19.19 -8.31 8.99
N SER A 77 19.24 -8.35 7.66
CA SER A 77 19.62 -7.18 6.87
C SER A 77 19.02 -7.32 5.48
N LEU A 78 17.89 -6.67 5.25
CA LEU A 78 17.15 -6.85 4.01
C LEU A 78 17.96 -6.38 2.80
N GLN A 79 17.96 -7.18 1.75
CA GLN A 79 18.65 -6.88 0.51
C GLN A 79 17.64 -6.71 -0.63
N PRO A 80 18.01 -5.97 -1.68
CA PRO A 80 17.05 -5.77 -2.79
C PRO A 80 16.59 -7.06 -3.42
N GLY A 81 17.47 -8.06 -3.56
CA GLY A 81 17.08 -9.34 -4.09
C GLY A 81 16.15 -10.13 -3.20
N ASP A 82 15.95 -9.70 -1.95
CA ASP A 82 15.07 -10.40 -1.02
C ASP A 82 13.61 -10.06 -1.23
N PHE A 83 13.27 -9.25 -2.22
CA PHE A 83 11.86 -8.98 -2.53
C PHE A 83 11.18 -10.28 -2.90
N ALA A 84 10.16 -10.66 -2.14
CA ALA A 84 9.50 -11.94 -2.36
C ALA A 84 8.29 -12.04 -1.45
N THR A 85 7.49 -13.09 -1.66
CA THR A 85 6.49 -13.54 -0.71
C THR A 85 7.08 -14.71 0.07
N TYR A 86 6.92 -14.67 1.39
CA TYR A 86 7.48 -15.70 2.27
C TYR A 86 6.35 -16.54 2.86
N TYR A 87 6.51 -17.87 2.82
CA TYR A 87 5.48 -18.80 3.25
C TYR A 87 6.01 -19.70 4.35
N CYS A 88 5.18 -19.94 5.36
CA CYS A 88 5.44 -21.04 6.27
C CYS A 88 4.57 -22.23 5.88
N GLN A 89 4.99 -23.42 6.29
CA GLN A 89 4.30 -24.65 5.95
C GLN A 89 4.47 -25.64 7.09
N GLN A 90 3.36 -26.11 7.66
CA GLN A 90 3.45 -27.15 8.69
C GLN A 90 3.60 -28.51 8.01
N SER A 91 4.49 -29.33 8.57
CA SER A 91 4.68 -30.69 8.10
C SER A 91 4.34 -31.70 9.19
N TYR A 92 3.46 -31.32 10.12
CA TYR A 92 3.13 -32.26 11.19
C TYR A 92 2.09 -33.27 10.73
N SER A 93 0.99 -32.81 10.13
CA SER A 93 -0.12 -33.69 9.80
C SER A 93 -0.54 -33.50 8.35
N SER A 94 -0.71 -34.61 7.64
CA SER A 94 -1.25 -34.56 6.30
C SER A 94 -2.73 -34.15 6.34
N PRO A 95 -3.17 -33.26 5.45
CA PRO A 95 -2.39 -32.63 4.37
C PRO A 95 -1.50 -31.49 4.86
N PHE A 96 -0.28 -31.43 4.34
CA PHE A 96 0.58 -30.29 4.62
C PHE A 96 -0.11 -29.01 4.15
N THR A 97 -0.05 -27.97 4.96
CA THR A 97 -0.73 -26.72 4.68
C THR A 97 0.25 -25.57 4.79
N PHE A 98 0.03 -24.54 3.97
CA PHE A 98 0.87 -23.36 3.93
C PHE A 98 0.16 -22.17 4.55
N GLY A 99 0.95 -21.24 5.08
CA GLY A 99 0.41 -19.94 5.42
C GLY A 99 -0.02 -19.18 4.18
N GLN A 100 -0.71 -18.06 4.42
CA GLN A 100 -1.19 -17.26 3.31
C GLN A 100 -0.11 -16.40 2.68
N GLY A 101 1.07 -16.31 3.29
CA GLY A 101 2.17 -15.56 2.72
C GLY A 101 2.33 -14.15 3.27
N THR A 102 3.58 -13.72 3.39
CA THR A 102 3.91 -12.34 3.73
C THR A 102 4.68 -11.74 2.56
N LYS A 103 4.16 -10.64 2.02
CA LYS A 103 4.81 -9.96 0.91
C LYS A 103 5.78 -8.92 1.46
N VAL A 104 7.06 -9.08 1.15
CA VAL A 104 8.10 -8.14 1.59
C VAL A 104 8.41 -7.22 0.42
N GLU A 105 8.21 -5.92 0.64
CA GLU A 105 8.51 -4.90 -0.36
C GLU A 105 9.67 -4.04 0.13
N ILE A 106 10.49 -3.59 -0.82
CA ILE A 106 11.66 -2.79 -0.50
C ILE A 106 11.28 -1.32 -0.56
N LYS A 107 11.60 -0.57 0.50
CA LYS A 107 11.42 0.87 0.50
C LYS A 107 12.72 1.55 0.08
N ARG A 108 12.67 2.30 -1.01
CA ARG A 108 13.83 3.02 -1.53
C ARG A 108 13.46 4.49 -1.71
N THR A 109 14.43 5.27 -2.17
CA THR A 109 14.16 6.68 -2.42
C THR A 109 13.17 6.83 -3.57
N VAL A 110 12.49 7.98 -3.60
CA VAL A 110 11.54 8.26 -4.67
C VAL A 110 12.27 8.38 -5.99
N ALA A 111 11.67 7.83 -7.04
CA ALA A 111 12.21 7.90 -8.40
C ALA A 111 11.07 8.19 -9.35
N ALA A 112 11.19 9.29 -10.09
CA ALA A 112 10.16 9.65 -11.06
C ALA A 112 10.20 8.69 -12.25
N PRO A 113 9.04 8.43 -12.86
CA PRO A 113 9.02 7.59 -14.06
C PRO A 113 9.48 8.35 -15.29
N SER A 114 10.11 7.61 -16.20
CA SER A 114 10.33 8.09 -17.57
C SER A 114 9.16 7.62 -18.44
N VAL A 115 8.54 8.55 -19.15
CA VAL A 115 7.29 8.29 -19.85
C VAL A 115 7.56 8.22 -21.34
N PHE A 116 7.03 7.18 -21.98
CA PHE A 116 7.08 7.01 -23.43
C PHE A 116 5.68 6.67 -23.94
N ILE A 117 5.38 7.12 -25.15
CA ILE A 117 4.11 6.79 -25.79
C ILE A 117 4.40 6.16 -27.14
N PHE A 118 3.62 5.15 -27.51
CA PHE A 118 3.81 4.42 -28.76
C PHE A 118 2.50 4.42 -29.53
N PRO A 119 2.49 4.87 -30.79
CA PRO A 119 1.29 4.76 -31.62
C PRO A 119 1.09 3.33 -32.07
N PRO A 120 -0.11 2.97 -32.52
CA PRO A 120 -0.29 1.64 -33.12
C PRO A 120 0.52 1.52 -34.40
N SER A 121 0.93 0.29 -34.70
CA SER A 121 1.63 0.03 -35.95
C SER A 121 0.65 -0.05 -37.10
N ASP A 122 1.15 0.21 -38.30
CA ASP A 122 0.31 0.11 -39.49
C ASP A 122 -0.18 -1.32 -39.72
N GLU A 123 0.63 -2.32 -39.32
CA GLU A 123 0.21 -3.72 -39.44
C GLU A 123 -1.02 -4.00 -38.60
N GLN A 124 -1.08 -3.46 -37.37
CA GLN A 124 -2.25 -3.68 -36.54
C GLN A 124 -3.44 -2.90 -37.05
N LEU A 125 -3.22 -1.67 -37.53
CA LEU A 125 -4.32 -0.86 -38.03
C LEU A 125 -5.02 -1.54 -39.21
N LYS A 126 -4.24 -2.09 -40.14
CA LYS A 126 -4.84 -2.74 -41.30
C LYS A 126 -5.73 -3.90 -40.90
N SER A 127 -5.40 -4.58 -39.80
CA SER A 127 -6.23 -5.64 -39.28
C SER A 127 -7.47 -5.13 -38.54
N GLY A 128 -7.58 -3.82 -38.33
CA GLY A 128 -8.81 -3.22 -37.85
C GLY A 128 -8.84 -2.77 -36.40
N THR A 129 -7.71 -2.83 -35.70
CA THR A 129 -7.63 -2.45 -34.30
C THR A 129 -6.44 -1.52 -34.09
N ALA A 130 -6.57 -0.62 -33.11
CA ALA A 130 -5.51 0.32 -32.75
C ALA A 130 -5.21 0.18 -31.26
N SER A 131 -3.98 -0.18 -30.94
CA SER A 131 -3.51 -0.24 -29.56
C SER A 131 -2.50 0.89 -29.37
N VAL A 132 -2.78 1.78 -28.41
CA VAL A 132 -1.87 2.84 -28.04
C VAL A 132 -1.31 2.52 -26.67
N VAL A 133 0.01 2.51 -26.55
CA VAL A 133 0.69 2.03 -25.35
C VAL A 133 1.44 3.18 -24.70
N CYS A 134 1.22 3.38 -23.40
CA CYS A 134 1.97 4.34 -22.62
C CYS A 134 2.84 3.61 -21.61
N LEU A 135 4.12 3.96 -21.57
CA LEU A 135 5.10 3.28 -20.73
C LEU A 135 5.60 4.22 -19.65
N LEU A 136 5.51 3.78 -18.39
CA LEU A 136 6.13 4.42 -17.25
C LEU A 136 7.24 3.51 -16.77
N ASN A 137 8.49 3.97 -16.84
CA ASN A 137 9.65 3.11 -16.62
C ASN A 137 10.42 3.52 -15.38
N ASN A 138 10.66 2.54 -14.50
CA ASN A 138 11.66 2.64 -13.42
C ASN A 138 11.32 3.74 -12.42
N PHE A 139 10.21 3.55 -11.70
CA PHE A 139 9.79 4.53 -10.72
C PHE A 139 9.55 3.88 -9.37
N TYR A 140 9.50 4.72 -8.33
CA TYR A 140 9.13 4.31 -6.98
C TYR A 140 8.59 5.52 -6.24
N PRO A 141 7.48 5.41 -5.49
CA PRO A 141 6.74 4.17 -5.19
C PRO A 141 5.83 3.68 -6.31
N ARG A 142 5.13 2.58 -6.02
CA ARG A 142 4.31 1.90 -7.03
C ARG A 142 3.10 2.73 -7.44
N GLU A 143 2.60 3.58 -6.56
CA GLU A 143 1.38 4.34 -6.83
C GLU A 143 1.62 5.34 -7.96
N ALA A 144 0.78 5.25 -8.99
CA ALA A 144 0.87 6.14 -10.14
C ALA A 144 -0.52 6.30 -10.73
N LYS A 145 -0.71 7.37 -11.48
CA LYS A 145 -2.00 7.67 -12.10
C LYS A 145 -1.78 8.01 -13.56
N VAL A 146 -2.41 7.25 -14.45
CA VAL A 146 -2.30 7.43 -15.89
C VAL A 146 -3.68 7.74 -16.45
N GLN A 147 -3.78 8.85 -17.17
CA GLN A 147 -5.04 9.29 -17.76
C GLN A 147 -4.85 9.49 -19.26
N TRP A 148 -5.77 8.96 -20.05
CA TRP A 148 -5.75 9.12 -21.50
C TRP A 148 -6.66 10.26 -21.92
N LYS A 149 -6.17 11.12 -22.80
CA LYS A 149 -6.97 12.16 -23.42
C LYS A 149 -6.83 12.03 -24.93
N VAL A 150 -7.96 12.05 -25.63
CA VAL A 150 -8.02 11.94 -27.08
C VAL A 150 -8.69 13.21 -27.59
N ASP A 151 -7.92 14.05 -28.29
CA ASP A 151 -8.35 15.41 -28.63
C ASP A 151 -8.90 16.12 -27.40
N ASN A 152 -8.13 16.02 -26.31
CA ASN A 152 -8.40 16.65 -25.01
C ASN A 152 -9.66 16.13 -24.34
N ALA A 153 -10.24 15.04 -24.83
CA ALA A 153 -11.39 14.41 -24.19
C ALA A 153 -10.89 13.24 -23.34
N LEU A 154 -11.14 13.31 -22.03
CA LEU A 154 -10.66 12.27 -21.13
C LEU A 154 -11.37 10.95 -21.43
N GLN A 155 -10.60 9.87 -21.48
CA GLN A 155 -11.11 8.54 -21.78
C GLN A 155 -11.40 7.77 -20.50
N SER A 156 -12.35 6.85 -20.59
CA SER A 156 -12.67 5.97 -19.46
C SER A 156 -13.16 4.63 -19.99
N GLY A 157 -12.69 3.55 -19.37
CA GLY A 157 -13.17 2.22 -19.64
C GLY A 157 -12.52 1.51 -20.81
N ASN A 158 -11.68 2.19 -21.59
CA ASN A 158 -11.08 1.62 -22.78
C ASN A 158 -9.57 1.46 -22.65
N SER A 159 -9.06 1.34 -21.42
CA SER A 159 -7.65 1.10 -21.21
C SER A 159 -7.46 0.07 -20.12
N GLN A 160 -6.35 -0.67 -20.20
CA GLN A 160 -5.95 -1.60 -19.17
C GLN A 160 -4.48 -1.38 -18.90
N GLU A 161 -4.07 -1.52 -17.64
CA GLU A 161 -2.67 -1.35 -17.31
C GLU A 161 -2.11 -2.63 -16.68
N SER A 162 -0.78 -2.69 -16.67
CA SER A 162 -0.04 -3.80 -16.10
C SER A 162 1.21 -3.25 -15.44
N VAL A 163 1.55 -3.78 -14.26
CA VAL A 163 2.68 -3.32 -13.48
C VAL A 163 3.62 -4.50 -13.26
N THR A 164 4.91 -4.29 -13.49
CA THR A 164 5.89 -5.31 -13.16
C THR A 164 6.02 -5.43 -11.64
N GLU A 165 6.51 -6.58 -11.20
CA GLU A 165 6.89 -6.72 -9.80
C GLU A 165 8.15 -5.91 -9.54
N GLN A 166 8.42 -5.64 -8.27
CA GLN A 166 9.57 -4.82 -7.90
C GLN A 166 10.85 -5.43 -8.44
N ASP A 167 11.69 -4.59 -9.05
CA ASP A 167 12.93 -5.06 -9.67
C ASP A 167 13.90 -5.52 -8.59
N SER A 168 14.48 -6.71 -8.79
CA SER A 168 15.34 -7.32 -7.79
C SER A 168 16.64 -6.56 -7.58
N LYS A 169 16.98 -5.59 -8.43
CA LYS A 169 18.26 -4.90 -8.33
C LYS A 169 18.16 -3.44 -7.93
N ASP A 170 17.24 -2.66 -8.51
CA ASP A 170 17.09 -1.26 -8.15
C ASP A 170 15.78 -0.94 -7.46
N SER A 171 14.91 -1.94 -7.25
CA SER A 171 13.70 -1.82 -6.43
C SER A 171 12.69 -0.84 -7.02
N THR A 172 12.65 -0.70 -8.34
CA THR A 172 11.68 0.17 -9.00
C THR A 172 10.58 -0.65 -9.66
N TYR A 173 9.52 0.05 -10.05
CA TYR A 173 8.42 -0.52 -10.81
C TYR A 173 8.41 0.04 -12.23
N SER A 174 7.78 -0.70 -13.13
CA SER A 174 7.41 -0.19 -14.43
C SER A 174 5.94 -0.52 -14.70
N LEU A 175 5.31 0.32 -15.49
CA LEU A 175 3.88 0.20 -15.74
C LEU A 175 3.61 0.49 -17.20
N SER A 176 2.72 -0.28 -17.80
CA SER A 176 2.23 -0.02 -19.15
C SER A 176 0.74 0.24 -19.07
N SER A 177 0.26 1.18 -19.88
CA SER A 177 -1.16 1.46 -20.01
C SER A 177 -1.50 1.42 -21.48
N THR A 178 -2.41 0.51 -21.86
CA THR A 178 -2.74 0.29 -23.26
C THR A 178 -4.16 0.78 -23.53
N LEU A 179 -4.28 1.73 -24.45
CA LEU A 179 -5.56 2.23 -24.92
C LEU A 179 -5.93 1.50 -26.21
N THR A 180 -7.12 0.92 -26.25
CA THR A 180 -7.54 0.10 -27.37
C THR A 180 -8.80 0.68 -28.02
N LEU A 181 -8.73 0.93 -29.32
CA LEU A 181 -9.84 1.41 -30.12
C LEU A 181 -9.96 0.57 -31.38
N SER A 182 -11.15 0.57 -31.97
CA SER A 182 -11.26 0.09 -33.33
C SER A 182 -10.57 1.08 -34.27
N LYS A 183 -10.14 0.56 -35.44
CA LYS A 183 -9.51 1.42 -36.43
C LYS A 183 -10.43 2.57 -36.84
N ALA A 184 -11.73 2.28 -36.96
CA ALA A 184 -12.68 3.31 -37.34
C ALA A 184 -12.70 4.43 -36.30
N ASP A 185 -12.75 4.07 -35.02
CA ASP A 185 -12.75 5.08 -33.96
C ASP A 185 -11.40 5.78 -33.86
N TYR A 186 -10.31 5.05 -34.12
CA TYR A 186 -8.98 5.64 -34.05
C TYR A 186 -8.81 6.74 -35.08
N GLU A 187 -9.32 6.53 -36.30
CA GLU A 187 -9.12 7.47 -37.39
C GLU A 187 -10.01 8.71 -37.28
N LYS A 188 -10.81 8.83 -36.23
CA LYS A 188 -11.69 9.97 -36.04
C LYS A 188 -11.06 11.10 -35.24
N HIS A 189 -9.85 10.91 -34.70
CA HIS A 189 -9.24 11.89 -33.82
C HIS A 189 -7.76 12.04 -34.18
N LYS A 190 -7.18 13.16 -33.78
CA LYS A 190 -5.79 13.48 -34.12
C LYS A 190 -4.84 13.31 -32.95
N VAL A 191 -5.10 13.97 -31.82
CA VAL A 191 -4.15 14.03 -30.70
C VAL A 191 -4.45 12.91 -29.71
N TYR A 192 -3.43 12.11 -29.39
CA TYR A 192 -3.51 11.05 -28.40
C TYR A 192 -2.47 11.31 -27.34
N ALA A 193 -2.90 11.48 -26.09
CA ALA A 193 -2.03 11.96 -25.03
C ALA A 193 -2.14 11.06 -23.80
N CYS A 194 -0.98 10.78 -23.20
CA CYS A 194 -0.88 10.04 -21.96
C CYS A 194 -0.36 10.99 -20.89
N GLU A 195 -1.12 11.14 -19.80
CA GLU A 195 -0.81 12.11 -18.76
C GLU A 195 -0.55 11.38 -17.44
N VAL A 196 0.67 11.54 -16.92
CA VAL A 196 1.16 10.75 -15.79
C VAL A 196 1.27 11.65 -14.57
N THR A 197 0.76 11.18 -13.43
CA THR A 197 0.91 11.83 -12.14
C THR A 197 1.65 10.89 -11.20
N HIS A 198 2.68 11.39 -10.53
CA HIS A 198 3.48 10.56 -9.65
C HIS A 198 4.19 11.45 -8.65
N GLN A 199 4.38 10.93 -7.43
CA GLN A 199 5.02 11.69 -6.37
C GLN A 199 6.39 12.21 -6.79
N GLY A 200 7.12 11.45 -7.62
CA GLY A 200 8.41 11.89 -8.10
C GLY A 200 8.38 13.04 -9.10
N LEU A 201 7.20 13.42 -9.58
CA LEU A 201 7.06 14.51 -10.55
C LEU A 201 6.41 15.71 -9.87
N SER A 202 7.06 16.88 -10.00
CA SER A 202 6.52 18.09 -9.39
C SER A 202 5.18 18.48 -9.99
N SER A 203 5.00 18.23 -11.28
CA SER A 203 3.75 18.48 -11.98
C SER A 203 3.52 17.35 -12.96
N PRO A 204 2.27 17.10 -13.35
CA PRO A 204 1.99 15.96 -14.24
C PRO A 204 2.75 16.06 -15.56
N VAL A 205 3.12 14.89 -16.09
CA VAL A 205 3.89 14.78 -17.31
C VAL A 205 2.99 14.20 -18.39
N THR A 206 3.00 14.83 -19.57
CA THR A 206 2.18 14.40 -20.69
C THR A 206 3.07 14.05 -21.88
N LYS A 207 2.85 12.87 -22.45
CA LYS A 207 3.46 12.47 -23.71
C LYS A 207 2.35 12.23 -24.72
N SER A 208 2.55 12.71 -25.95
CA SER A 208 1.49 12.64 -26.94
C SER A 208 2.07 12.55 -28.33
N PHE A 209 1.19 12.22 -29.29
CA PHE A 209 1.52 12.20 -30.70
C PHE A 209 0.28 12.58 -31.48
N ASN A 210 0.48 12.96 -32.74
CA ASN A 210 -0.61 13.20 -33.68
C ASN A 210 -0.71 12.02 -34.64
N ARG A 211 -1.91 11.46 -34.75
CA ARG A 211 -2.10 10.33 -35.65
C ARG A 211 -1.70 10.70 -37.07
N GLY A 212 -0.88 9.84 -37.70
CA GLY A 212 -0.45 10.06 -39.05
C GLY A 212 0.76 10.96 -39.22
N GLU A 213 1.46 11.29 -38.14
CA GLU A 213 2.61 12.18 -38.20
C GLU A 213 3.85 11.43 -37.72
N CYS A 214 5.01 11.88 -38.19
CA CYS A 214 6.28 11.28 -37.79
C CYS A 214 7.44 12.27 -37.90
N GLN B 1 20.89 -29.56 -6.24
CA GLN B 1 21.21 -30.98 -6.12
C GLN B 1 20.44 -31.82 -7.14
N VAL B 2 19.14 -31.54 -7.26
CA VAL B 2 18.28 -32.26 -8.18
C VAL B 2 17.42 -31.25 -8.93
N GLN B 3 17.13 -31.52 -10.20
CA GLN B 3 16.38 -30.62 -11.07
C GLN B 3 15.11 -31.30 -11.53
N LEU B 4 13.97 -30.63 -11.31
CA LEU B 4 12.67 -31.14 -11.66
C LEU B 4 12.08 -30.29 -12.80
N GLN B 5 11.29 -30.93 -13.65
CA GLN B 5 10.74 -30.25 -14.81
C GLN B 5 9.38 -30.85 -15.15
N GLU B 6 8.32 -30.09 -14.97
CA GLU B 6 6.98 -30.52 -15.34
C GLU B 6 6.78 -30.45 -16.86
N SER B 7 5.97 -31.36 -17.38
CA SER B 7 5.55 -31.30 -18.78
C SER B 7 4.13 -31.86 -18.89
N GLY B 8 3.45 -31.47 -19.97
CA GLY B 8 2.07 -31.82 -20.14
C GLY B 8 1.26 -30.66 -20.69
N PRO B 9 -0.01 -30.92 -21.02
CA PRO B 9 -0.82 -29.87 -21.67
C PRO B 9 -1.08 -28.69 -20.73
N GLY B 10 -1.08 -27.49 -21.32
CA GLY B 10 -1.41 -26.27 -20.61
C GLY B 10 -2.87 -25.90 -20.66
N LEU B 11 -3.68 -26.66 -21.41
CA LEU B 11 -5.10 -26.38 -21.58
C LEU B 11 -5.86 -27.69 -21.48
N VAL B 12 -6.87 -27.73 -20.61
CA VAL B 12 -7.68 -28.92 -20.40
C VAL B 12 -9.14 -28.50 -20.42
N LYS B 13 -9.97 -29.25 -21.13
CA LYS B 13 -11.39 -28.94 -21.19
C LYS B 13 -12.08 -29.37 -19.90
N PRO B 14 -13.11 -28.64 -19.46
CA PRO B 14 -13.82 -29.03 -18.24
C PRO B 14 -14.35 -30.46 -18.34
N SER B 15 -14.31 -31.16 -17.21
CA SER B 15 -14.73 -32.55 -17.01
C SER B 15 -13.70 -33.57 -17.49
N GLU B 16 -12.63 -33.14 -18.15
CA GLU B 16 -11.62 -34.06 -18.64
C GLU B 16 -10.48 -34.19 -17.61
N THR B 17 -9.48 -35.01 -17.93
CA THR B 17 -8.43 -35.39 -17.00
C THR B 17 -7.16 -34.60 -17.27
N LEU B 18 -6.68 -33.88 -16.27
CA LEU B 18 -5.41 -33.17 -16.34
C LEU B 18 -4.27 -34.14 -16.03
N SER B 19 -3.26 -34.15 -16.89
CA SER B 19 -2.12 -35.06 -16.73
C SER B 19 -0.82 -34.29 -16.86
N LEU B 20 0.06 -34.45 -15.87
CA LEU B 20 1.37 -33.82 -15.88
C LEU B 20 2.42 -34.86 -15.50
N THR B 21 3.63 -34.65 -16.01
CA THR B 21 4.75 -35.54 -15.74
C THR B 21 5.92 -34.70 -15.25
N CYS B 22 6.54 -35.14 -14.16
CA CYS B 22 7.77 -34.54 -13.68
C CYS B 22 8.94 -35.41 -14.09
N THR B 23 9.95 -34.80 -14.69
CA THR B 23 11.20 -35.48 -15.01
C THR B 23 12.27 -35.02 -14.04
N VAL B 24 12.96 -35.97 -13.43
CA VAL B 24 13.94 -35.70 -12.39
C VAL B 24 15.33 -35.95 -12.96
N SER B 25 16.22 -34.97 -12.79
CA SER B 25 17.61 -35.07 -13.22
C SER B 25 18.52 -34.83 -12.03
N GLY B 26 19.60 -35.59 -11.94
CA GLY B 26 20.60 -35.41 -10.91
C GLY B 26 20.58 -36.48 -9.83
N ASP B 27 19.47 -37.19 -9.68
CA ASP B 27 19.42 -38.33 -8.77
C ASP B 27 18.25 -39.21 -9.19
N SER B 28 18.21 -40.41 -8.63
CA SER B 28 17.21 -41.38 -9.02
C SER B 28 15.88 -41.09 -8.32
N ILE B 29 14.80 -41.60 -8.92
CA ILE B 29 13.49 -41.57 -8.30
C ILE B 29 13.48 -42.37 -7.01
N SER B 30 14.09 -43.56 -7.04
CA SER B 30 14.06 -44.46 -5.90
C SER B 30 15.07 -44.00 -4.84
N SER B 31 14.68 -44.16 -3.57
CA SER B 31 15.43 -43.66 -2.44
C SER B 31 14.92 -44.34 -1.18
N SER B 32 15.65 -44.14 -0.09
CA SER B 32 15.17 -44.53 1.22
C SER B 32 14.98 -43.34 2.16
N TYR B 33 15.19 -42.11 1.69
CA TYR B 33 14.93 -40.97 2.54
C TYR B 33 14.20 -39.82 1.87
N TYR B 34 14.07 -39.77 0.54
CA TYR B 34 13.23 -38.76 -0.10
C TYR B 34 12.18 -39.43 -0.97
N TYR B 35 11.12 -38.69 -1.26
CA TYR B 35 10.05 -39.16 -2.12
C TYR B 35 9.50 -37.98 -2.90
N TRP B 36 8.32 -38.14 -3.50
CA TRP B 36 7.87 -37.24 -4.55
C TRP B 36 6.40 -36.88 -4.36
N GLY B 37 6.06 -35.67 -4.79
CA GLY B 37 4.69 -35.22 -4.69
C GLY B 37 4.45 -33.96 -5.50
N TRP B 38 3.26 -33.40 -5.33
CA TRP B 38 2.78 -32.30 -6.16
C TRP B 38 2.18 -31.20 -5.30
N ILE B 39 2.41 -29.95 -5.72
CA ILE B 39 1.86 -28.75 -5.10
C ILE B 39 1.24 -27.91 -6.21
N ARG B 40 0.18 -27.18 -5.89
CA ARG B 40 -0.38 -26.23 -6.86
C ARG B 40 -0.62 -24.88 -6.19
N GLN B 41 -0.70 -23.85 -7.02
CA GLN B 41 -0.82 -22.48 -6.56
C GLN B 41 -1.76 -21.71 -7.49
N SER B 42 -2.72 -21.01 -6.91
CA SER B 42 -3.61 -20.10 -7.61
C SER B 42 -3.73 -18.81 -6.80
N PRO B 43 -4.11 -17.71 -7.45
CA PRO B 43 -4.14 -16.42 -6.72
C PRO B 43 -5.03 -16.42 -5.49
N VAL B 44 -6.20 -17.04 -5.55
CA VAL B 44 -7.16 -16.90 -4.45
C VAL B 44 -7.03 -18.01 -3.41
N LYS B 45 -6.60 -19.21 -3.80
CA LYS B 45 -6.40 -20.30 -2.84
C LYS B 45 -4.97 -20.38 -2.30
N GLY B 46 -4.03 -19.64 -2.90
CA GLY B 46 -2.65 -19.75 -2.44
C GLY B 46 -2.07 -21.12 -2.77
N LEU B 47 -1.13 -21.55 -1.93
CA LEU B 47 -0.44 -22.82 -2.15
C LEU B 47 -1.24 -23.96 -1.53
N GLU B 48 -1.29 -25.09 -2.23
CA GLU B 48 -2.14 -26.21 -1.88
C GLU B 48 -1.40 -27.51 -2.14
N TRP B 49 -1.12 -28.26 -1.08
CA TRP B 49 -0.48 -29.56 -1.23
C TRP B 49 -1.47 -30.54 -1.85
N ILE B 50 -1.07 -31.21 -2.93
CA ILE B 50 -1.96 -32.12 -3.63
C ILE B 50 -1.81 -33.55 -3.10
N GLY B 51 -0.58 -34.06 -3.06
CA GLY B 51 -0.37 -35.44 -2.68
C GLY B 51 1.08 -35.83 -2.86
N SER B 52 1.38 -37.05 -2.42
CA SER B 52 2.75 -37.56 -2.48
C SER B 52 2.73 -39.07 -2.68
N PHE B 53 3.89 -39.60 -3.10
CA PHE B 53 4.10 -41.02 -3.37
C PHE B 53 5.31 -41.44 -2.54
N PHE B 54 5.08 -42.09 -1.39
CA PHE B 54 6.17 -42.50 -0.52
C PHE B 54 7.03 -43.57 -1.21
N TYR B 55 8.29 -43.66 -0.77
CA TYR B 55 9.20 -44.60 -1.42
C TYR B 55 8.83 -46.06 -1.14
N SER B 56 8.00 -46.30 -0.13
CA SER B 56 7.44 -47.63 0.11
C SER B 56 6.34 -47.97 -0.87
N GLY B 57 5.95 -47.04 -1.75
CA GLY B 57 4.86 -47.24 -2.68
C GLY B 57 3.54 -46.66 -2.24
N ASN B 58 3.45 -46.15 -1.02
CA ASN B 58 2.19 -45.68 -0.47
C ASN B 58 1.89 -44.25 -0.89
N THR B 59 0.64 -44.02 -1.26
CA THR B 59 0.19 -42.71 -1.71
C THR B 59 -0.56 -42.00 -0.60
N ASN B 60 -0.56 -40.67 -0.67
CA ASN B 60 -1.19 -39.83 0.34
C ASN B 60 -1.73 -38.61 -0.37
N TYR B 61 -3.05 -38.41 -0.35
CA TYR B 61 -3.70 -37.37 -1.11
C TYR B 61 -4.44 -36.40 -0.20
N ASN B 62 -4.51 -35.15 -0.65
CA ASN B 62 -5.28 -34.14 0.07
C ASN B 62 -6.75 -34.54 0.07
N PRO B 63 -7.40 -34.58 1.24
CA PRO B 63 -8.81 -35.03 1.28
C PRO B 63 -9.74 -34.19 0.43
N SER B 64 -9.41 -32.92 0.17
CA SER B 64 -10.26 -32.07 -0.67
C SER B 64 -10.22 -32.47 -2.13
N LEU B 65 -9.30 -33.34 -2.54
CA LEU B 65 -9.17 -33.77 -3.92
C LEU B 65 -9.12 -35.29 -4.06
N LYS B 66 -9.12 -36.03 -2.94
CA LYS B 66 -8.61 -37.40 -2.94
C LYS B 66 -9.32 -38.29 -3.97
N SER B 67 -10.64 -38.12 -4.12
CA SER B 67 -11.37 -38.96 -5.07
C SER B 67 -10.85 -38.80 -6.49
N ARG B 68 -10.29 -37.63 -6.81
CA ARG B 68 -9.95 -37.28 -8.18
C ARG B 68 -8.46 -37.42 -8.51
N VAL B 69 -7.61 -37.72 -7.54
CA VAL B 69 -6.17 -37.64 -7.72
C VAL B 69 -5.57 -39.03 -7.84
N THR B 70 -4.57 -39.16 -8.72
CA THR B 70 -3.71 -40.34 -8.78
C THR B 70 -2.29 -39.87 -9.04
N ILE B 71 -1.35 -40.39 -8.26
CA ILE B 71 0.08 -40.15 -8.46
C ILE B 71 0.76 -41.50 -8.66
N SER B 72 1.68 -41.56 -9.61
CA SER B 72 2.40 -42.79 -9.92
C SER B 72 3.84 -42.43 -10.25
N VAL B 73 4.72 -43.43 -10.19
CA VAL B 73 6.13 -43.25 -10.48
C VAL B 73 6.53 -44.21 -11.59
N ASP B 74 7.61 -43.84 -12.29
CA ASP B 74 8.20 -44.64 -13.38
C ASP B 74 9.71 -44.63 -13.14
N THR B 75 10.21 -45.60 -12.37
CA THR B 75 11.63 -45.58 -12.04
C THR B 75 12.53 -45.81 -13.25
N SER B 76 12.00 -46.42 -14.31
CA SER B 76 12.82 -46.66 -15.50
C SER B 76 13.12 -45.35 -16.24
N LYS B 77 12.12 -44.48 -16.39
CA LYS B 77 12.33 -43.20 -17.04
C LYS B 77 12.66 -42.07 -16.06
N ASN B 78 12.79 -42.39 -14.77
CA ASN B 78 13.07 -41.41 -13.73
C ASN B 78 12.02 -40.29 -13.71
N GLN B 79 10.76 -40.69 -13.81
CA GLN B 79 9.65 -39.74 -13.84
C GLN B 79 8.59 -40.15 -12.83
N PHE B 80 7.76 -39.19 -12.45
CA PHE B 80 6.54 -39.47 -11.71
C PHE B 80 5.46 -38.53 -12.23
N SER B 81 4.20 -38.92 -12.02
CA SER B 81 3.10 -38.32 -12.77
C SER B 81 1.96 -37.92 -11.84
N LEU B 82 1.13 -37.01 -12.35
CA LEU B 82 -0.08 -36.56 -11.67
C LEU B 82 -1.26 -36.69 -12.63
N ASN B 83 -2.36 -37.27 -12.14
CA ASN B 83 -3.62 -37.29 -12.85
C ASN B 83 -4.69 -36.69 -11.95
N LEU B 84 -5.41 -35.70 -12.46
CA LEU B 84 -6.50 -35.06 -11.73
C LEU B 84 -7.73 -35.13 -12.62
N ARG B 85 -8.73 -35.90 -12.18
CA ARG B 85 -9.90 -36.21 -12.98
C ARG B 85 -10.99 -35.16 -12.81
N SER B 86 -11.87 -35.09 -13.81
CA SER B 86 -13.09 -34.26 -13.79
C SER B 86 -12.79 -32.83 -13.31
N VAL B 87 -11.94 -32.14 -14.05
CA VAL B 87 -11.48 -30.82 -13.62
C VAL B 87 -12.54 -29.77 -13.95
N THR B 88 -12.44 -28.63 -13.25
CA THR B 88 -13.24 -27.45 -13.53
C THR B 88 -12.35 -26.23 -13.44
N ALA B 89 -12.93 -25.05 -13.67
CA ALA B 89 -12.19 -23.81 -13.58
C ALA B 89 -11.51 -23.66 -12.22
N ALA B 90 -12.07 -24.29 -11.19
CA ALA B 90 -11.46 -24.27 -9.86
C ALA B 90 -10.13 -25.01 -9.82
N ASP B 91 -9.77 -25.72 -10.88
CA ASP B 91 -8.50 -26.44 -10.94
C ASP B 91 -7.45 -25.71 -11.77
N THR B 92 -7.79 -24.56 -12.34
CA THR B 92 -6.78 -23.71 -12.97
C THR B 92 -5.78 -23.25 -11.91
N ALA B 93 -4.50 -23.48 -12.17
CA ALA B 93 -3.46 -23.20 -11.20
C ALA B 93 -2.10 -23.45 -11.83
N VAL B 94 -1.06 -23.05 -11.12
CA VAL B 94 0.32 -23.42 -11.46
C VAL B 94 0.66 -24.67 -10.66
N TYR B 95 1.09 -25.72 -11.36
CA TYR B 95 1.32 -27.03 -10.77
C TYR B 95 2.82 -27.29 -10.65
N TYR B 96 3.26 -27.55 -9.42
CA TYR B 96 4.67 -27.82 -9.14
C TYR B 96 4.85 -29.28 -8.74
N CYS B 97 5.88 -29.92 -9.29
CA CYS B 97 6.37 -31.15 -8.67
C CYS B 97 7.47 -30.78 -7.68
N ALA B 98 7.56 -31.55 -6.60
CA ALA B 98 8.45 -31.22 -5.49
C ALA B 98 9.03 -32.47 -4.86
N ARG B 99 10.30 -32.41 -4.48
CA ARG B 99 10.92 -33.51 -3.76
C ARG B 99 10.61 -33.40 -2.28
N HIS B 100 10.09 -34.48 -1.70
CA HIS B 100 9.79 -34.58 -0.28
C HIS B 100 10.95 -35.27 0.41
N VAL B 101 11.53 -34.62 1.41
CA VAL B 101 12.68 -35.14 2.14
C VAL B 101 12.26 -35.41 3.58
N THR B 102 12.42 -36.64 4.04
CA THR B 102 12.16 -36.95 5.44
C THR B 102 13.29 -36.41 6.30
N SER B 103 12.94 -35.80 7.44
CA SER B 103 13.92 -35.38 8.42
C SER B 103 14.19 -36.44 9.47
N ILE B 104 13.22 -37.33 9.71
CA ILE B 104 13.39 -38.47 10.58
C ILE B 104 13.17 -39.74 9.76
N SER B 105 14.02 -40.74 9.99
CA SER B 105 14.00 -41.93 9.15
C SER B 105 12.67 -42.67 9.25
N SER B 106 12.10 -43.00 8.09
CA SER B 106 10.82 -43.68 7.90
C SER B 106 9.63 -42.86 8.39
N TRP B 107 9.80 -41.58 8.68
CA TRP B 107 8.77 -40.77 9.32
C TRP B 107 8.13 -39.80 8.35
N ASN B 108 6.79 -39.80 8.32
CA ASN B 108 5.95 -38.98 7.49
C ASN B 108 5.82 -37.55 7.98
N ARG B 109 6.24 -37.26 9.21
CA ARG B 109 6.13 -35.95 9.83
C ARG B 109 7.50 -35.29 9.84
N GLY B 110 7.51 -33.96 9.73
CA GLY B 110 8.75 -33.22 9.63
C GLY B 110 9.36 -33.19 8.25
N VAL B 111 8.58 -33.55 7.21
CA VAL B 111 9.09 -33.55 5.85
C VAL B 111 9.22 -32.12 5.34
N TYR B 112 10.20 -31.88 4.47
CA TYR B 112 10.36 -30.58 3.83
C TYR B 112 10.55 -30.76 2.33
N LEU B 113 10.25 -29.69 1.59
CA LEU B 113 10.21 -29.73 0.13
C LEU B 113 11.52 -29.13 -0.41
N ASP B 114 12.43 -30.03 -0.80
CA ASP B 114 13.80 -29.69 -1.17
C ASP B 114 13.85 -28.88 -2.46
N SER B 115 13.32 -29.45 -3.53
CA SER B 115 13.46 -28.90 -4.86
C SER B 115 12.08 -28.89 -5.50
N TRP B 116 11.82 -27.84 -6.28
CA TRP B 116 10.55 -27.69 -6.97
C TRP B 116 10.81 -27.60 -8.46
N GLY B 117 9.87 -28.09 -9.25
CA GLY B 117 9.87 -27.79 -10.67
C GLY B 117 9.68 -26.31 -10.92
N ARG B 118 9.83 -25.91 -12.19
CA ARG B 118 9.64 -24.51 -12.52
C ARG B 118 8.16 -24.10 -12.43
N GLY B 119 7.25 -25.07 -12.44
CA GLY B 119 5.84 -24.75 -12.43
C GLY B 119 5.21 -24.87 -13.80
N ALA B 120 4.09 -25.58 -13.89
CA ALA B 120 3.36 -25.75 -15.15
C ALA B 120 1.97 -25.15 -14.97
N LEU B 121 1.71 -24.04 -15.65
CA LEU B 121 0.39 -23.45 -15.59
C LEU B 121 -0.60 -24.30 -16.38
N VAL B 122 -1.72 -24.64 -15.76
CA VAL B 122 -2.79 -25.36 -16.43
C VAL B 122 -4.05 -24.53 -16.33
N THR B 123 -4.65 -24.23 -17.47
CA THR B 123 -5.91 -23.50 -17.55
C THR B 123 -7.00 -24.47 -17.95
N VAL B 124 -8.06 -24.55 -17.15
CA VAL B 124 -9.22 -25.38 -17.46
C VAL B 124 -10.25 -24.47 -18.12
N SER B 125 -10.50 -24.71 -19.40
CA SER B 125 -11.42 -23.88 -20.16
C SER B 125 -11.82 -24.62 -21.43
N SER B 126 -13.03 -24.31 -21.90
CA SER B 126 -13.54 -24.87 -23.16
C SER B 126 -13.12 -24.06 -24.37
N ALA B 127 -12.44 -22.93 -24.19
CA ALA B 127 -12.02 -22.10 -25.31
C ALA B 127 -10.86 -22.74 -26.05
N SER B 128 -10.70 -22.33 -27.31
CA SER B 128 -9.66 -22.88 -28.17
C SER B 128 -8.36 -22.10 -28.04
N THR B 129 -7.25 -22.78 -28.29
CA THR B 129 -5.96 -22.11 -28.30
C THR B 129 -5.88 -21.13 -29.46
N LYS B 130 -5.18 -20.02 -29.23
CA LYS B 130 -4.98 -19.00 -30.23
C LYS B 130 -3.59 -18.43 -30.08
N GLY B 131 -2.82 -18.43 -31.17
CA GLY B 131 -1.49 -17.86 -31.16
C GLY B 131 -1.54 -16.35 -31.20
N PRO B 132 -0.49 -15.69 -30.71
CA PRO B 132 -0.50 -14.22 -30.64
C PRO B 132 -0.08 -13.58 -31.95
N SER B 133 -0.59 -12.37 -32.15
CA SER B 133 -0.07 -11.45 -33.15
C SER B 133 0.94 -10.53 -32.48
N VAL B 134 2.06 -10.28 -33.14
CA VAL B 134 3.17 -9.52 -32.56
C VAL B 134 3.35 -8.25 -33.36
N PHE B 135 3.18 -7.10 -32.71
CA PHE B 135 3.33 -5.81 -33.35
C PHE B 135 4.47 -5.00 -32.73
N PRO B 136 5.23 -4.27 -33.54
CA PRO B 136 6.33 -3.47 -32.99
C PRO B 136 5.84 -2.25 -32.23
N LEU B 137 6.59 -1.90 -31.20
CA LEU B 137 6.46 -0.62 -30.50
C LEU B 137 7.71 0.18 -30.91
N ALA B 138 7.57 0.98 -31.97
CA ALA B 138 8.72 1.58 -32.63
C ALA B 138 9.33 2.69 -31.76
N PRO B 139 10.64 2.76 -31.66
CA PRO B 139 11.27 3.84 -30.90
C PRO B 139 11.06 5.18 -31.59
N SER B 140 10.90 6.22 -30.78
CA SER B 140 10.54 7.54 -31.26
C SER B 140 11.77 8.36 -31.64
N SER B 141 11.59 9.23 -32.62
CA SER B 141 12.66 10.09 -33.10
C SER B 141 12.84 11.32 -32.20
N GLY B 147 19.23 10.59 -25.09
CA GLY B 147 20.24 9.65 -24.62
C GLY B 147 19.72 8.22 -24.51
N THR B 148 18.47 8.08 -24.08
CA THR B 148 17.85 6.76 -23.87
C THR B 148 16.54 6.70 -24.64
N ALA B 149 16.37 5.64 -25.42
CA ALA B 149 15.13 5.38 -26.16
C ALA B 149 14.46 4.13 -25.63
N ALA B 150 13.15 4.04 -25.83
CA ALA B 150 12.37 2.86 -25.47
C ALA B 150 11.74 2.28 -26.72
N LEU B 151 11.86 0.97 -26.88
CA LEU B 151 11.19 0.23 -27.95
C LEU B 151 10.59 -1.02 -27.33
N GLY B 152 9.82 -1.76 -28.11
CA GLY B 152 9.22 -2.96 -27.58
C GLY B 152 8.42 -3.72 -28.60
N CYS B 153 7.71 -4.74 -28.10
CA CYS B 153 6.82 -5.58 -28.89
C CYS B 153 5.49 -5.72 -28.16
N LEU B 154 4.41 -5.58 -28.91
CA LEU B 154 3.07 -5.84 -28.40
C LEU B 154 2.68 -7.25 -28.80
N VAL B 155 2.41 -8.10 -27.80
CA VAL B 155 2.05 -9.51 -28.01
C VAL B 155 0.57 -9.64 -27.66
N LYS B 156 -0.27 -9.72 -28.68
CA LYS B 156 -1.69 -9.45 -28.55
C LYS B 156 -2.54 -10.66 -28.95
N ASP B 157 -3.61 -10.90 -28.18
CA ASP B 157 -4.71 -11.81 -28.54
C ASP B 157 -4.30 -13.27 -28.60
N TYR B 158 -3.77 -13.82 -27.51
CA TYR B 158 -3.43 -15.23 -27.46
C TYR B 158 -4.16 -15.92 -26.32
N PHE B 159 -4.24 -17.24 -26.41
CA PHE B 159 -4.86 -18.08 -25.39
C PHE B 159 -4.33 -19.49 -25.55
N PRO B 160 -3.98 -20.20 -24.46
CA PRO B 160 -3.97 -19.64 -23.10
C PRO B 160 -2.58 -19.12 -22.72
N GLU B 161 -2.42 -18.77 -21.46
CA GLU B 161 -1.10 -18.42 -20.95
C GLU B 161 -0.21 -19.66 -20.93
N PRO B 162 1.13 -19.48 -21.01
CA PRO B 162 1.86 -18.22 -21.13
C PRO B 162 2.54 -18.05 -22.49
N VAL B 163 3.05 -16.85 -22.74
CA VAL B 163 4.05 -16.63 -23.78
C VAL B 163 5.36 -16.29 -23.10
N THR B 164 6.46 -16.61 -23.76
CA THR B 164 7.78 -16.15 -23.36
C THR B 164 8.32 -15.21 -24.43
N VAL B 165 8.99 -14.15 -24.00
CA VAL B 165 9.57 -13.16 -24.90
C VAL B 165 11.05 -13.03 -24.56
N SER B 166 11.89 -13.08 -25.59
CA SER B 166 13.30 -12.75 -25.46
C SER B 166 13.66 -11.76 -26.55
N TRP B 167 14.83 -11.13 -26.40
CA TRP B 167 15.29 -10.11 -27.34
C TRP B 167 16.63 -10.52 -27.93
N ASN B 168 16.74 -10.43 -29.25
CA ASN B 168 17.97 -10.77 -29.98
C ASN B 168 18.46 -12.16 -29.62
N SER B 169 17.52 -13.11 -29.55
CA SER B 169 17.80 -14.51 -29.23
C SER B 169 18.43 -14.67 -27.83
N GLY B 170 18.15 -13.73 -26.94
CA GLY B 170 18.67 -13.78 -25.58
C GLY B 170 19.93 -12.99 -25.34
N ALA B 171 20.52 -12.37 -26.38
CA ALA B 171 21.71 -11.57 -26.19
C ALA B 171 21.43 -10.22 -25.54
N LEU B 172 20.16 -9.81 -25.45
CA LEU B 172 19.76 -8.56 -24.82
C LEU B 172 18.92 -8.89 -23.60
N THR B 173 19.42 -8.52 -22.42
CA THR B 173 18.68 -8.76 -21.18
C THR B 173 18.61 -7.50 -20.33
N SER B 174 19.65 -6.67 -20.39
CA SER B 174 19.69 -5.46 -19.59
C SER B 174 18.63 -4.47 -20.05
N GLY B 175 17.82 -3.98 -19.10
CA GLY B 175 16.81 -2.99 -19.41
C GLY B 175 15.51 -3.53 -19.98
N VAL B 176 15.33 -4.84 -20.01
CA VAL B 176 14.13 -5.46 -20.58
C VAL B 176 13.07 -5.57 -19.49
N HIS B 177 11.85 -5.14 -19.80
CA HIS B 177 10.69 -5.32 -18.93
C HIS B 177 9.61 -6.02 -19.74
N THR B 178 9.29 -7.25 -19.36
CA THR B 178 8.20 -8.02 -19.97
C THR B 178 7.05 -8.01 -18.98
N PHE B 179 5.98 -7.31 -19.32
CA PHE B 179 4.91 -7.05 -18.38
C PHE B 179 4.05 -8.29 -18.15
N PRO B 180 3.48 -8.43 -16.96
CA PRO B 180 2.49 -9.50 -16.75
C PRO B 180 1.33 -9.35 -17.72
N ALA B 181 0.85 -10.49 -18.22
CA ALA B 181 -0.25 -10.46 -19.18
C ALA B 181 -1.52 -9.97 -18.54
N VAL B 182 -2.36 -9.33 -19.35
CA VAL B 182 -3.67 -8.85 -18.93
C VAL B 182 -4.73 -9.62 -19.72
N LEU B 183 -5.77 -10.05 -19.02
CA LEU B 183 -6.91 -10.71 -19.66
C LEU B 183 -7.85 -9.65 -20.21
N GLN B 184 -8.04 -9.64 -21.53
CA GLN B 184 -8.96 -8.67 -22.12
C GLN B 184 -10.39 -9.19 -22.03
N SER B 185 -11.34 -8.27 -22.22
CA SER B 185 -12.74 -8.66 -22.16
C SER B 185 -13.12 -9.68 -23.22
N SER B 186 -12.29 -9.84 -24.26
CA SER B 186 -12.51 -10.86 -25.28
C SER B 186 -12.19 -12.27 -24.81
N GLY B 187 -11.61 -12.43 -23.61
CA GLY B 187 -11.14 -13.71 -23.15
C GLY B 187 -9.75 -14.06 -23.62
N LEU B 188 -9.12 -13.21 -24.40
CA LEU B 188 -7.76 -13.41 -24.88
C LEU B 188 -6.79 -12.59 -24.03
N TYR B 189 -5.54 -13.02 -24.00
CA TYR B 189 -4.50 -12.34 -23.26
C TYR B 189 -3.70 -11.41 -24.17
N SER B 190 -2.98 -10.49 -23.54
CA SER B 190 -2.14 -9.55 -24.25
C SER B 190 -1.10 -9.01 -23.29
N LEU B 191 0.13 -8.85 -23.76
CA LEU B 191 1.17 -8.24 -22.96
C LEU B 191 2.10 -7.43 -23.85
N SER B 192 2.96 -6.65 -23.22
CA SER B 192 4.01 -5.92 -23.89
C SER B 192 5.35 -6.25 -23.26
N SER B 193 6.39 -6.25 -24.09
CA SER B 193 7.77 -6.38 -23.62
C SER B 193 8.55 -5.21 -24.19
N VAL B 194 9.13 -4.40 -23.30
CA VAL B 194 9.86 -3.20 -23.71
C VAL B 194 11.30 -3.31 -23.24
N VAL B 195 12.15 -2.51 -23.87
CA VAL B 195 13.55 -2.41 -23.49
C VAL B 195 14.01 -1.00 -23.78
N THR B 196 14.83 -0.45 -22.88
CA THR B 196 15.44 0.86 -23.06
C THR B 196 16.86 0.67 -23.57
N VAL B 197 17.22 1.44 -24.60
CA VAL B 197 18.53 1.32 -25.25
C VAL B 197 19.06 2.72 -25.53
N PRO B 198 20.36 2.84 -25.80
CA PRO B 198 20.90 4.16 -26.17
C PRO B 198 20.40 4.59 -27.54
N SER B 199 20.01 5.88 -27.63
CA SER B 199 19.53 6.43 -28.89
C SER B 199 20.58 6.35 -29.99
N SER B 200 21.86 6.27 -29.64
CA SER B 200 22.91 6.15 -30.64
C SER B 200 22.84 4.81 -31.37
N SER B 201 22.36 3.77 -30.71
CA SER B 201 22.36 2.43 -31.30
C SER B 201 21.26 2.23 -32.32
N LEU B 202 20.24 3.09 -32.35
CA LEU B 202 19.19 2.98 -33.35
C LEU B 202 19.77 3.28 -34.73
N GLY B 203 19.80 2.27 -35.61
CA GLY B 203 20.37 2.40 -36.93
C GLY B 203 21.63 1.57 -37.12
N THR B 204 22.43 1.40 -36.07
CA THR B 204 23.57 0.50 -36.12
C THR B 204 23.25 -0.88 -35.56
N GLN B 205 22.36 -0.94 -34.57
CA GLN B 205 22.04 -2.18 -33.87
C GLN B 205 20.65 -2.66 -34.28
N THR B 206 20.54 -3.96 -34.53
CA THR B 206 19.28 -4.59 -34.88
C THR B 206 18.61 -5.14 -33.63
N TYR B 207 17.31 -4.89 -33.48
CA TYR B 207 16.54 -5.32 -32.32
C TYR B 207 15.40 -6.24 -32.78
N ILE B 208 15.49 -7.50 -32.42
CA ILE B 208 14.48 -8.51 -32.73
C ILE B 208 13.89 -9.02 -31.42
N CYS B 209 12.57 -9.10 -31.36
CA CYS B 209 11.91 -9.73 -30.22
C CYS B 209 11.41 -11.10 -30.66
N ASN B 210 11.72 -12.12 -29.86
CA ASN B 210 11.34 -13.50 -30.15
C ASN B 210 10.20 -13.89 -29.22
N VAL B 211 9.05 -14.21 -29.80
CA VAL B 211 7.85 -14.57 -29.04
C VAL B 211 7.56 -16.04 -29.27
N ASN B 212 7.41 -16.79 -28.18
CA ASN B 212 7.11 -18.22 -28.25
C ASN B 212 5.85 -18.51 -27.45
N HIS B 213 4.88 -19.15 -28.10
CA HIS B 213 3.60 -19.54 -27.50
C HIS B 213 3.44 -21.03 -27.77
N LYS B 214 3.86 -21.85 -26.82
CA LYS B 214 3.88 -23.30 -26.97
C LYS B 214 2.50 -23.95 -27.03
N PRO B 215 1.48 -23.45 -26.33
CA PRO B 215 0.13 -24.02 -26.51
C PRO B 215 -0.35 -24.04 -27.95
N SER B 216 0.06 -23.08 -28.78
CA SER B 216 -0.35 -23.03 -30.17
C SER B 216 0.78 -23.34 -31.14
N ASN B 217 1.96 -23.67 -30.65
CA ASN B 217 3.14 -23.93 -31.49
C ASN B 217 3.46 -22.73 -32.39
N THR B 218 3.44 -21.55 -31.79
CA THR B 218 3.72 -20.30 -32.50
C THR B 218 5.09 -19.78 -32.09
N LYS B 219 5.95 -19.54 -33.09
CA LYS B 219 7.26 -18.94 -32.90
C LYS B 219 7.38 -17.79 -33.87
N VAL B 220 7.48 -16.57 -33.36
CA VAL B 220 7.47 -15.37 -34.18
C VAL B 220 8.66 -14.50 -33.80
N ASP B 221 9.48 -14.15 -34.80
CA ASP B 221 10.52 -13.14 -34.64
C ASP B 221 10.06 -11.85 -35.31
N LYS B 222 10.13 -10.74 -34.59
CA LYS B 222 9.64 -9.45 -35.08
C LYS B 222 10.74 -8.42 -34.95
N ARG B 223 11.08 -7.77 -36.05
CA ARG B 223 12.13 -6.76 -36.07
C ARG B 223 11.49 -5.40 -35.77
N VAL B 224 12.12 -4.64 -34.88
CA VAL B 224 11.55 -3.39 -34.36
C VAL B 224 12.46 -2.25 -34.80
N GLU B 225 11.99 -1.44 -35.75
CA GLU B 225 12.62 -0.31 -36.44
C GLU B 225 12.13 1.03 -35.92
N PRO B 226 13.03 2.01 -35.87
CA PRO B 226 12.58 3.41 -35.81
C PRO B 226 11.95 3.81 -37.13
N LYS B 227 10.92 4.63 -37.07
CA LYS B 227 10.20 5.02 -38.28
C LYS B 227 10.55 6.45 -38.68
N ASP C 1 22.94 13.29 16.78
CA ASP C 1 24.23 12.64 17.04
C ASP C 1 24.06 11.14 17.23
N ILE C 2 22.91 10.73 17.77
CA ILE C 2 22.52 9.33 17.83
C ILE C 2 21.30 9.16 16.93
N GLN C 3 21.43 8.32 15.90
CA GLN C 3 20.37 8.13 14.92
C GLN C 3 19.60 6.86 15.19
N MET C 4 18.28 6.94 15.13
CA MET C 4 17.38 5.83 15.41
C MET C 4 16.66 5.46 14.13
N THR C 5 16.69 4.18 13.76
CA THR C 5 16.03 3.69 12.56
C THR C 5 15.10 2.54 12.91
N GLN C 6 13.85 2.63 12.48
CA GLN C 6 12.83 1.62 12.75
C GLN C 6 12.54 0.80 11.51
N SER C 7 12.05 -0.42 11.73
CA SER C 7 11.58 -1.28 10.65
C SER C 7 10.46 -2.15 11.20
N PRO C 8 9.42 -2.41 10.39
CA PRO C 8 9.21 -1.87 9.05
C PRO C 8 8.85 -0.39 9.04
N SER C 9 8.89 0.24 7.85
CA SER C 9 8.29 1.55 7.73
C SER C 9 6.78 1.48 7.76
N SER C 10 6.21 0.41 7.22
CA SER C 10 4.78 0.20 7.27
C SER C 10 4.50 -1.29 7.15
N LEU C 11 3.35 -1.70 7.68
CA LEU C 11 2.92 -3.09 7.63
C LEU C 11 1.41 -3.13 7.68
N SER C 12 0.84 -4.10 6.97
CA SER C 12 -0.58 -4.38 7.00
C SER C 12 -0.78 -5.76 7.61
N THR C 13 -1.65 -5.86 8.60
CA THR C 13 -1.90 -7.14 9.26
C THR C 13 -3.31 -7.13 9.86
N SER C 14 -3.84 -8.33 10.08
CA SER C 14 -5.23 -8.48 10.49
C SER C 14 -5.39 -8.34 11.99
N VAL C 15 -6.65 -8.16 12.41
CA VAL C 15 -6.98 -8.16 13.84
C VAL C 15 -6.63 -9.52 14.44
N GLY C 16 -6.04 -9.48 15.64
CA GLY C 16 -5.64 -10.68 16.34
C GLY C 16 -4.21 -11.12 16.11
N ASP C 17 -3.53 -10.55 15.11
CA ASP C 17 -2.18 -10.98 14.77
C ASP C 17 -1.14 -10.34 15.68
N ARG C 18 0.02 -10.97 15.73
CA ARG C 18 1.18 -10.45 16.42
C ARG C 18 1.92 -9.45 15.55
N VAL C 19 2.37 -8.34 16.16
CA VAL C 19 3.09 -7.29 15.46
C VAL C 19 4.45 -7.11 16.12
N THR C 20 5.50 -6.96 15.29
CA THR C 20 6.88 -6.84 15.77
C THR C 20 7.54 -5.64 15.10
N ILE C 21 7.87 -4.61 15.88
CA ILE C 21 8.54 -3.41 15.39
C ILE C 21 9.97 -3.41 15.94
N THR C 22 10.93 -3.17 15.06
CA THR C 22 12.34 -3.11 15.44
C THR C 22 12.82 -1.67 15.40
N CYS C 23 13.70 -1.30 16.34
CA CYS C 23 14.33 0.00 16.39
C CYS C 23 15.82 -0.19 16.64
N ARG C 24 16.63 0.38 15.77
CA ARG C 24 18.09 0.26 15.84
C ARG C 24 18.72 1.61 16.13
N ALA C 25 19.74 1.61 16.99
CA ALA C 25 20.47 2.81 17.35
C ALA C 25 21.85 2.78 16.72
N SER C 26 22.31 3.96 16.25
CA SER C 26 23.61 4.06 15.60
C SER C 26 24.78 3.91 16.57
N GLN C 27 24.51 3.87 17.87
CA GLN C 27 25.52 3.53 18.86
C GLN C 27 24.81 3.01 20.10
N THR C 28 25.54 2.26 20.92
CA THR C 28 24.91 1.57 22.05
C THR C 28 24.32 2.58 23.03
N ILE C 29 23.12 2.26 23.51
CA ILE C 29 22.39 3.18 24.39
C ILE C 29 21.88 2.43 25.61
N SER C 30 22.49 1.27 25.90
CA SER C 30 22.08 0.42 27.01
C SER C 30 20.59 0.11 26.92
N THR C 31 19.81 0.46 27.95
CA THR C 31 18.37 0.24 27.94
C THR C 31 17.58 1.54 27.93
N TYR C 32 18.19 2.64 27.50
CA TYR C 32 17.53 3.95 27.58
C TYR C 32 16.80 4.24 26.28
N LEU C 33 15.62 3.64 26.16
CA LEU C 33 14.84 3.65 24.93
C LEU C 33 13.36 3.72 25.30
N ASN C 34 12.62 4.61 24.66
CA ASN C 34 11.19 4.77 24.89
C ASN C 34 10.42 4.47 23.62
N TRP C 35 9.18 4.00 23.78
CA TRP C 35 8.28 3.74 22.67
C TRP C 35 7.01 4.57 22.84
N TYR C 36 6.53 5.14 21.73
CA TYR C 36 5.32 5.95 21.74
C TYR C 36 4.36 5.48 20.67
N GLN C 37 3.08 5.71 20.92
CA GLN C 37 2.01 5.46 19.96
C GLN C 37 1.35 6.78 19.63
N GLN C 38 1.12 7.03 18.34
CA GLN C 38 0.44 8.25 17.90
C GLN C 38 -0.73 7.87 17.00
N LYS C 39 -1.93 8.08 17.50
CA LYS C 39 -3.16 7.85 16.77
C LYS C 39 -3.52 9.08 15.95
N PRO C 40 -4.35 8.95 14.92
CA PRO C 40 -4.59 10.07 14.01
C PRO C 40 -5.12 11.31 14.74
N GLY C 41 -4.48 12.45 14.47
CA GLY C 41 -4.90 13.72 15.02
C GLY C 41 -4.66 13.88 16.51
N LYS C 42 -3.72 13.14 17.08
CA LYS C 42 -3.48 13.16 18.51
C LYS C 42 -1.98 13.27 18.79
N ALA C 43 -1.65 13.67 20.01
CA ALA C 43 -0.26 13.69 20.44
C ALA C 43 0.25 12.26 20.62
N PRO C 44 1.55 12.04 20.50
CA PRO C 44 2.12 10.75 20.87
C PRO C 44 1.81 10.43 22.32
N GLU C 45 1.66 9.15 22.61
CA GLU C 45 1.41 8.68 23.96
C GLU C 45 2.45 7.64 24.32
N LEU C 46 2.94 7.71 25.56
CA LEU C 46 3.99 6.81 26.01
C LEU C 46 3.44 5.41 26.21
N LEU C 47 4.12 4.42 25.64
CA LEU C 47 3.82 3.01 25.85
C LEU C 47 4.84 2.36 26.79
N ILE C 48 6.12 2.58 26.55
CA ILE C 48 7.19 1.87 27.24
C ILE C 48 8.35 2.83 27.46
N TYR C 49 8.93 2.78 28.67
CA TYR C 49 10.12 3.55 28.98
C TYR C 49 11.22 2.61 29.48
N VAL C 50 12.45 3.10 29.43
CA VAL C 50 13.68 2.33 29.62
C VAL C 50 13.55 0.93 29.03
N ALA C 51 13.15 0.86 27.76
CA ALA C 51 13.19 -0.32 26.91
C ALA C 51 12.12 -1.36 27.22
N SER C 52 11.82 -1.60 28.50
CA SER C 52 10.92 -2.69 28.84
C SER C 52 9.87 -2.38 29.90
N SER C 53 9.83 -1.18 30.47
CA SER C 53 8.85 -0.86 31.51
C SER C 53 7.57 -0.34 30.87
N LEU C 54 6.47 -1.06 31.08
CA LEU C 54 5.15 -0.60 30.64
C LEU C 54 4.69 0.60 31.45
N GLN C 55 4.25 1.64 30.77
CA GLN C 55 3.65 2.79 31.44
C GLN C 55 2.28 2.41 32.00
N SER C 56 1.92 3.02 33.12
CA SER C 56 0.65 2.71 33.78
C SER C 56 -0.53 2.99 32.85
N GLY C 57 -1.52 2.10 32.86
CA GLY C 57 -2.69 2.23 32.03
C GLY C 57 -2.56 1.69 30.62
N VAL C 58 -1.37 1.29 30.20
CA VAL C 58 -1.17 0.77 28.85
C VAL C 58 -1.51 -0.72 28.84
N PRO C 59 -2.36 -1.20 27.93
CA PRO C 59 -2.80 -2.60 27.97
C PRO C 59 -1.65 -3.57 27.81
N SER C 60 -1.81 -4.75 28.40
CA SER C 60 -0.72 -5.71 28.55
C SER C 60 -0.34 -6.41 27.25
N ARG C 61 -1.10 -6.21 26.16
CA ARG C 61 -0.68 -6.77 24.88
C ARG C 61 0.58 -6.11 24.33
N PHE C 62 0.94 -4.92 24.84
CA PHE C 62 2.16 -4.24 24.45
C PHE C 62 3.31 -4.67 25.34
N SER C 63 4.45 -4.98 24.74
CA SER C 63 5.65 -5.28 25.50
C SER C 63 6.87 -4.85 24.69
N GLY C 64 7.97 -4.62 25.39
CA GLY C 64 9.20 -4.20 24.75
C GLY C 64 10.44 -4.84 25.36
N THR C 65 11.42 -5.18 24.52
CA THR C 65 12.66 -5.79 24.96
C THR C 65 13.83 -5.15 24.23
N GLY C 66 15.04 -5.48 24.67
CA GLY C 66 16.23 -5.07 23.96
C GLY C 66 17.29 -4.37 24.79
N SER C 67 18.54 -4.40 24.30
CA SER C 67 19.66 -3.73 24.94
C SER C 67 20.66 -3.34 23.87
N GLY C 68 21.48 -2.34 24.19
CA GLY C 68 22.57 -1.96 23.32
C GLY C 68 22.14 -1.16 22.10
N THR C 69 21.94 -1.85 20.97
CA THR C 69 21.62 -1.19 19.71
C THR C 69 20.32 -1.65 19.08
N GLU C 70 19.76 -2.79 19.50
CA GLU C 70 18.58 -3.34 18.86
C GLU C 70 17.47 -3.51 19.89
N PHE C 71 16.27 -3.00 19.55
CA PHE C 71 15.13 -3.04 20.47
C PHE C 71 13.90 -3.48 19.70
N THR C 72 12.93 -4.00 20.43
CA THR C 72 11.75 -4.59 19.84
C THR C 72 10.51 -4.16 20.61
N LEU C 73 9.48 -3.73 19.88
CA LEU C 73 8.15 -3.52 20.43
C LEU C 73 7.22 -4.58 19.86
N THR C 74 6.50 -5.27 20.74
CA THR C 74 5.64 -6.37 20.35
C THR C 74 4.20 -6.05 20.77
N ILE C 75 3.26 -6.22 19.83
CA ILE C 75 1.84 -6.30 20.15
C ILE C 75 1.41 -7.74 19.93
N SER C 76 0.89 -8.37 20.99
CA SER C 76 0.62 -9.79 20.94
C SER C 76 -0.64 -10.12 20.14
N SER C 77 -1.65 -9.25 20.23
CA SER C 77 -2.93 -9.45 19.52
C SER C 77 -3.40 -8.07 19.08
N LEU C 78 -3.22 -7.78 17.78
CA LEU C 78 -3.54 -6.45 17.27
C LEU C 78 -5.04 -6.19 17.35
N GLN C 79 -5.40 -5.02 17.85
CA GLN C 79 -6.79 -4.63 17.93
C GLN C 79 -7.05 -3.45 16.99
N PRO C 80 -8.30 -3.27 16.56
CA PRO C 80 -8.57 -2.20 15.58
C PRO C 80 -8.14 -0.82 16.06
N GLY C 81 -8.36 -0.53 17.34
CA GLY C 81 -7.94 0.74 17.91
C GLY C 81 -6.43 0.94 17.97
N ASP C 82 -5.65 -0.10 17.67
CA ASP C 82 -4.20 0.02 17.65
C ASP C 82 -3.67 0.60 16.35
N PHE C 83 -4.56 1.00 15.43
CA PHE C 83 -4.12 1.72 14.24
C PHE C 83 -3.44 3.01 14.65
N ALA C 84 -2.16 3.14 14.29
CA ALA C 84 -1.35 4.26 14.74
C ALA C 84 0.01 4.17 14.07
N THR C 85 0.82 5.21 14.27
CA THR C 85 2.23 5.17 13.97
C THR C 85 2.99 5.04 15.28
N TYR C 86 4.01 4.19 15.28
CA TYR C 86 4.76 3.87 16.49
C TYR C 86 6.19 4.38 16.36
N TYR C 87 6.65 5.08 17.38
CA TYR C 87 7.97 5.72 17.37
C TYR C 87 8.80 5.21 18.54
N CYS C 88 10.09 5.05 18.29
CA CYS C 88 11.07 4.90 19.37
C CYS C 88 11.83 6.21 19.55
N GLN C 89 12.39 6.39 20.75
CA GLN C 89 13.27 7.52 21.01
C GLN C 89 14.32 7.09 22.02
N GLN C 90 15.56 7.49 21.78
CA GLN C 90 16.63 7.24 22.72
C GLN C 90 16.68 8.35 23.77
N SER C 91 16.94 7.97 25.00
CA SER C 91 17.09 8.90 26.12
C SER C 91 18.48 8.79 26.72
N TYR C 92 19.46 8.36 25.92
CA TYR C 92 20.82 8.14 26.39
C TYR C 92 21.60 9.43 26.46
N SER C 93 21.52 10.26 25.44
CA SER C 93 22.28 11.52 25.42
C SER C 93 21.53 12.55 24.60
N SER C 94 21.76 13.81 24.94
CA SER C 94 21.10 14.96 24.32
C SER C 94 21.74 15.26 22.96
N PRO C 95 20.95 15.67 21.96
CA PRO C 95 19.50 15.81 22.01
C PRO C 95 18.77 14.48 21.88
N PHE C 96 17.63 14.34 22.55
CA PHE C 96 16.79 13.18 22.36
C PHE C 96 16.38 13.09 20.90
N THR C 97 16.45 11.88 20.33
CA THR C 97 16.16 11.68 18.92
C THR C 97 15.14 10.57 18.76
N PHE C 98 14.25 10.74 17.78
CA PHE C 98 13.17 9.80 17.51
C PHE C 98 13.46 9.01 16.25
N GLY C 99 12.86 7.83 16.17
CA GLY C 99 12.85 7.09 14.92
C GLY C 99 11.83 7.66 13.95
N GLN C 100 11.93 7.22 12.71
CA GLN C 100 11.05 7.77 11.67
C GLN C 100 9.62 7.23 11.77
N GLY C 101 9.38 6.21 12.58
CA GLY C 101 8.03 5.76 12.80
C GLY C 101 7.67 4.55 11.95
N THR C 102 6.80 3.71 12.49
CA THR C 102 6.26 2.54 11.80
C THR C 102 4.74 2.67 11.75
N LYS C 103 4.18 2.70 10.54
CA LYS C 103 2.74 2.79 10.36
C LYS C 103 2.13 1.40 10.41
N VAL C 104 1.21 1.18 11.35
CA VAL C 104 0.51 -0.09 11.49
C VAL C 104 -0.86 0.07 10.85
N GLU C 105 -1.12 -0.71 9.80
CA GLU C 105 -2.37 -0.66 9.07
C GLU C 105 -3.14 -1.95 9.26
N ILE C 106 -4.46 -1.84 9.43
CA ILE C 106 -5.32 -2.98 9.71
C ILE C 106 -5.84 -3.53 8.40
N LYS C 107 -5.69 -4.84 8.21
CA LYS C 107 -6.25 -5.55 7.06
C LYS C 107 -7.57 -6.19 7.47
N ARG C 108 -8.62 -5.93 6.71
CA ARG C 108 -9.95 -6.44 7.00
C ARG C 108 -10.59 -6.94 5.71
N THR C 109 -11.80 -7.48 5.84
CA THR C 109 -12.53 -7.94 4.66
C THR C 109 -12.93 -6.77 3.78
N VAL C 110 -13.17 -7.08 2.51
CA VAL C 110 -13.60 -6.06 1.56
C VAL C 110 -14.94 -5.49 1.98
N ALA C 111 -15.05 -4.17 1.93
CA ALA C 111 -16.30 -3.47 2.21
C ALA C 111 -16.54 -2.46 1.09
N ALA C 112 -17.69 -2.58 0.43
CA ALA C 112 -18.00 -1.64 -0.63
C ALA C 112 -18.51 -0.33 -0.03
N PRO C 113 -18.20 0.80 -0.67
CA PRO C 113 -18.65 2.09 -0.14
C PRO C 113 -20.12 2.33 -0.41
N SER C 114 -20.78 2.99 0.55
CA SER C 114 -22.07 3.60 0.31
C SER C 114 -21.83 4.99 -0.26
N VAL C 115 -22.53 5.31 -1.35
CA VAL C 115 -22.28 6.52 -2.11
C VAL C 115 -23.44 7.49 -1.94
N PHE C 116 -23.11 8.77 -1.72
CA PHE C 116 -24.09 9.84 -1.63
C PHE C 116 -23.60 11.01 -2.46
N ILE C 117 -24.54 11.80 -2.97
CA ILE C 117 -24.21 12.99 -3.75
C ILE C 117 -25.01 14.18 -3.22
N PHE C 118 -24.37 15.35 -3.20
CA PHE C 118 -24.97 16.55 -2.61
C PHE C 118 -24.92 17.68 -3.62
N PRO C 119 -26.06 18.21 -4.05
CA PRO C 119 -26.04 19.40 -4.90
C PRO C 119 -25.56 20.60 -4.12
N PRO C 120 -25.17 21.69 -4.80
CA PRO C 120 -24.79 22.90 -4.09
C PRO C 120 -26.00 23.53 -3.41
N SER C 121 -25.76 24.09 -2.22
CA SER C 121 -26.83 24.77 -1.51
C SER C 121 -27.13 26.10 -2.19
N ASP C 122 -28.38 26.55 -2.05
CA ASP C 122 -28.77 27.82 -2.64
C ASP C 122 -28.06 28.99 -1.97
N GLU C 123 -27.62 28.82 -0.73
CA GLU C 123 -26.83 29.86 -0.07
C GLU C 123 -25.49 30.04 -0.77
N GLN C 124 -24.81 28.93 -1.11
CA GLN C 124 -23.55 29.05 -1.85
C GLN C 124 -23.79 29.61 -3.25
N LEU C 125 -24.90 29.24 -3.88
CA LEU C 125 -25.18 29.69 -5.23
C LEU C 125 -25.31 31.21 -5.32
N LYS C 126 -25.75 31.87 -4.24
CA LYS C 126 -25.85 33.32 -4.27
C LYS C 126 -24.48 33.98 -4.47
N SER C 127 -23.42 33.36 -3.97
CA SER C 127 -22.09 33.95 -3.99
C SER C 127 -21.34 33.68 -5.29
N GLY C 128 -21.94 32.99 -6.25
CA GLY C 128 -21.32 32.78 -7.54
C GLY C 128 -20.49 31.52 -7.69
N THR C 129 -20.57 30.60 -6.73
CA THR C 129 -19.81 29.36 -6.80
C THR C 129 -20.72 28.18 -6.47
N ALA C 130 -20.40 27.03 -7.06
CA ALA C 130 -21.16 25.80 -6.86
C ALA C 130 -20.18 24.68 -6.55
N SER C 131 -20.33 24.09 -5.36
CA SER C 131 -19.62 22.88 -5.00
C SER C 131 -20.59 21.72 -5.01
N VAL C 132 -20.25 20.67 -5.77
CA VAL C 132 -20.97 19.41 -5.74
C VAL C 132 -20.08 18.41 -5.01
N VAL C 133 -20.65 17.68 -4.06
CA VAL C 133 -19.88 16.81 -3.18
C VAL C 133 -20.37 15.38 -3.36
N CYS C 134 -19.42 14.46 -3.43
CA CYS C 134 -19.69 13.03 -3.51
C CYS C 134 -19.01 12.34 -2.33
N LEU C 135 -19.77 11.53 -1.59
CA LEU C 135 -19.28 10.86 -0.40
C LEU C 135 -19.22 9.36 -0.64
N LEU C 136 -18.06 8.77 -0.36
CA LEU C 136 -17.89 7.32 -0.30
C LEU C 136 -17.67 6.97 1.16
N ASN C 137 -18.56 6.19 1.74
CA ASN C 137 -18.59 5.97 3.18
C ASN C 137 -18.24 4.52 3.52
N ASN C 138 -17.25 4.35 4.40
CA ASN C 138 -16.98 3.09 5.10
C ASN C 138 -16.69 1.96 4.12
N PHE C 139 -15.53 2.05 3.47
CA PHE C 139 -15.11 1.04 2.52
C PHE C 139 -13.70 0.55 2.83
N TYR C 140 -13.35 -0.58 2.21
CA TYR C 140 -12.04 -1.19 2.31
C TYR C 140 -11.88 -2.11 1.11
N PRO C 141 -10.71 -2.16 0.47
CA PRO C 141 -9.48 -1.41 0.79
C PRO C 141 -9.53 0.05 0.34
N ARG C 142 -8.43 0.78 0.53
CA ARG C 142 -8.43 2.22 0.30
C ARG C 142 -8.67 2.57 -1.17
N GLU C 143 -8.17 1.76 -2.09
CA GLU C 143 -8.19 2.11 -3.51
C GLU C 143 -9.61 2.27 -4.02
N ALA C 144 -9.90 3.43 -4.63
CA ALA C 144 -11.21 3.71 -5.19
C ALA C 144 -11.06 4.80 -6.25
N LYS C 145 -11.99 4.79 -7.21
CA LYS C 145 -12.00 5.77 -8.29
C LYS C 145 -13.33 6.51 -8.29
N VAL C 146 -13.26 7.83 -8.36
CA VAL C 146 -14.43 8.69 -8.51
C VAL C 146 -14.32 9.39 -9.85
N GLN C 147 -15.41 9.37 -10.62
CA GLN C 147 -15.49 10.05 -11.91
C GLN C 147 -16.72 10.95 -11.91
N TRP C 148 -16.52 12.22 -12.24
CA TRP C 148 -17.61 13.18 -12.32
C TRP C 148 -18.09 13.29 -13.77
N LYS C 149 -19.40 13.26 -13.95
CA LYS C 149 -20.01 13.43 -15.27
C LYS C 149 -21.04 14.53 -15.19
N VAL C 150 -20.95 15.49 -16.11
CA VAL C 150 -21.89 16.61 -16.21
C VAL C 150 -22.53 16.52 -17.58
N ASP C 151 -23.81 16.12 -17.63
CA ASP C 151 -24.50 15.81 -18.87
C ASP C 151 -23.74 14.77 -19.70
N ASN C 152 -23.21 13.77 -18.99
CA ASN C 152 -22.43 12.64 -19.52
C ASN C 152 -21.04 13.02 -20.01
N ALA C 153 -20.62 14.28 -19.85
CA ALA C 153 -19.27 14.69 -20.21
C ALA C 153 -18.35 14.47 -19.02
N LEU C 154 -17.32 13.64 -19.20
CA LEU C 154 -16.40 13.34 -18.11
C LEU C 154 -15.61 14.58 -17.73
N GLN C 155 -15.58 14.88 -16.43
CA GLN C 155 -14.86 16.03 -15.92
C GLN C 155 -13.42 15.66 -15.61
N SER C 156 -12.54 16.68 -15.68
CA SER C 156 -11.16 16.50 -15.27
C SER C 156 -10.58 17.85 -14.88
N GLY C 157 -9.73 17.85 -13.85
CA GLY C 157 -9.05 19.04 -13.42
C GLY C 157 -9.84 19.97 -12.51
N ASN C 158 -11.11 19.68 -12.26
CA ASN C 158 -11.96 20.58 -11.48
C ASN C 158 -12.52 19.91 -10.23
N SER C 159 -11.86 18.88 -9.72
CA SER C 159 -12.30 18.18 -8.52
C SER C 159 -11.12 17.90 -7.62
N GLN C 160 -11.38 17.84 -6.32
CA GLN C 160 -10.38 17.46 -5.32
C GLN C 160 -11.00 16.43 -4.40
N GLU C 161 -10.17 15.55 -3.84
CA GLU C 161 -10.68 14.57 -2.91
C GLU C 161 -9.82 14.51 -1.66
N SER C 162 -10.43 13.97 -0.60
CA SER C 162 -9.85 13.92 0.72
C SER C 162 -10.30 12.62 1.37
N VAL C 163 -9.39 11.95 2.08
CA VAL C 163 -9.63 10.62 2.62
C VAL C 163 -9.36 10.65 4.11
N THR C 164 -10.24 9.99 4.87
CA THR C 164 -10.00 9.85 6.30
C THR C 164 -8.96 8.78 6.56
N GLU C 165 -8.36 8.86 7.75
CA GLU C 165 -7.53 7.76 8.22
C GLU C 165 -8.41 6.55 8.53
N GLN C 166 -7.77 5.39 8.62
CA GLN C 166 -8.49 4.16 8.92
C GLN C 166 -9.26 4.31 10.23
N ASP C 167 -10.53 3.93 10.21
CA ASP C 167 -11.39 4.12 11.37
C ASP C 167 -10.95 3.24 12.53
N SER C 168 -10.95 3.80 13.73
CA SER C 168 -10.45 3.08 14.88
C SER C 168 -11.35 1.95 15.33
N LYS C 169 -12.57 1.82 14.78
CA LYS C 169 -13.50 0.78 15.20
C LYS C 169 -13.76 -0.27 14.12
N ASP C 170 -14.05 0.14 12.88
CA ASP C 170 -14.33 -0.81 11.82
C ASP C 170 -13.24 -0.89 10.76
N SER C 171 -12.16 -0.10 10.90
CA SER C 171 -10.99 -0.15 10.04
C SER C 171 -11.29 0.23 8.59
N THR C 172 -12.36 0.98 8.33
CA THR C 172 -12.70 1.39 6.99
C THR C 172 -12.19 2.80 6.72
N TYR C 173 -12.24 3.18 5.44
CA TYR C 173 -11.93 4.52 4.99
C TYR C 173 -13.20 5.22 4.53
N SER C 174 -13.15 6.54 4.48
CA SER C 174 -14.18 7.34 3.85
C SER C 174 -13.52 8.40 2.97
N LEU C 175 -14.18 8.74 1.88
CA LEU C 175 -13.63 9.65 0.89
C LEU C 175 -14.69 10.63 0.43
N SER C 176 -14.29 11.89 0.28
CA SER C 176 -15.12 12.93 -0.31
C SER C 176 -14.45 13.44 -1.57
N SER C 177 -15.24 13.63 -2.63
CA SER C 177 -14.76 14.28 -3.84
C SER C 177 -15.65 15.48 -4.13
N THR C 178 -15.04 16.65 -4.26
CA THR C 178 -15.76 17.90 -4.46
C THR C 178 -15.46 18.45 -5.84
N LEU C 179 -16.51 18.64 -6.63
CA LEU C 179 -16.42 19.27 -7.94
C LEU C 179 -16.80 20.74 -7.81
N THR C 180 -15.91 21.63 -8.23
CA THR C 180 -16.15 23.06 -8.15
C THR C 180 -16.35 23.63 -9.54
N LEU C 181 -17.46 24.34 -9.72
CA LEU C 181 -17.77 25.05 -10.95
C LEU C 181 -18.26 26.44 -10.59
N SER C 182 -18.08 27.39 -11.51
CA SER C 182 -18.69 28.69 -11.33
C SER C 182 -20.21 28.57 -11.36
N LYS C 183 -20.88 29.57 -10.81
CA LYS C 183 -22.34 29.56 -10.83
C LYS C 183 -22.87 29.52 -12.26
N ALA C 184 -22.23 30.26 -13.17
CA ALA C 184 -22.68 30.30 -14.56
C ALA C 184 -22.61 28.92 -15.21
N ASP C 185 -21.49 28.22 -15.03
CA ASP C 185 -21.34 26.90 -15.65
C ASP C 185 -22.22 25.86 -14.99
N TYR C 186 -22.47 26.00 -13.69
CA TYR C 186 -23.36 25.04 -13.01
C TYR C 186 -24.76 25.09 -13.59
N GLU C 187 -25.24 26.28 -13.95
CA GLU C 187 -26.59 26.44 -14.47
C GLU C 187 -26.69 26.22 -15.97
N LYS C 188 -25.59 25.89 -16.65
CA LYS C 188 -25.63 25.55 -18.06
C LYS C 188 -25.98 24.09 -18.31
N HIS C 189 -26.04 23.26 -17.26
CA HIS C 189 -26.23 21.83 -17.42
C HIS C 189 -27.26 21.34 -16.41
N LYS C 190 -27.79 20.14 -16.67
CA LYS C 190 -28.87 19.58 -15.88
C LYS C 190 -28.44 18.41 -15.01
N VAL C 191 -27.79 17.40 -15.60
CA VAL C 191 -27.51 16.14 -14.91
C VAL C 191 -26.10 16.18 -14.34
N TYR C 192 -25.99 15.98 -13.03
CA TYR C 192 -24.71 15.91 -12.32
C TYR C 192 -24.61 14.52 -11.70
N ALA C 193 -23.55 13.79 -12.07
CA ALA C 193 -23.42 12.39 -11.70
C ALA C 193 -22.04 12.10 -11.16
N CYS C 194 -21.99 11.24 -10.14
CA CYS C 194 -20.76 10.77 -9.53
C CYS C 194 -20.70 9.26 -9.72
N GLU C 195 -19.66 8.79 -10.39
CA GLU C 195 -19.50 7.37 -10.69
C GLU C 195 -18.32 6.81 -9.90
N VAL C 196 -18.55 5.70 -9.21
CA VAL C 196 -17.60 5.15 -8.25
C VAL C 196 -17.25 3.73 -8.66
N THR C 197 -15.95 3.45 -8.75
CA THR C 197 -15.44 2.11 -9.00
C THR C 197 -14.65 1.66 -7.79
N HIS C 198 -14.96 0.46 -7.28
CA HIS C 198 -14.29 -0.07 -6.10
C HIS C 198 -14.30 -1.59 -6.17
N GLN C 199 -13.26 -2.19 -5.57
CA GLN C 199 -13.11 -3.65 -5.62
C GLN C 199 -14.32 -4.37 -5.04
N GLY C 200 -15.01 -3.76 -4.08
CA GLY C 200 -16.20 -4.36 -3.50
C GLY C 200 -17.47 -4.22 -4.30
N LEU C 201 -17.43 -3.50 -5.42
CA LEU C 201 -18.60 -3.30 -6.27
C LEU C 201 -18.48 -4.16 -7.52
N SER C 202 -19.52 -4.96 -7.79
CA SER C 202 -19.52 -5.81 -8.97
C SER C 202 -19.43 -4.99 -10.24
N SER C 203 -20.05 -3.81 -10.25
CA SER C 203 -20.00 -2.88 -11.36
C SER C 203 -20.07 -1.47 -10.79
N PRO C 204 -19.61 -0.47 -11.54
CA PRO C 204 -19.59 0.90 -11.00
C PRO C 204 -20.97 1.38 -10.56
N VAL C 205 -21.00 2.11 -9.45
CA VAL C 205 -22.22 2.69 -8.89
C VAL C 205 -22.26 4.17 -9.27
N THR C 206 -23.42 4.63 -9.73
CA THR C 206 -23.62 6.03 -10.09
C THR C 206 -24.73 6.63 -9.26
N LYS C 207 -24.43 7.73 -8.57
CA LYS C 207 -25.45 8.57 -7.93
C LYS C 207 -25.52 9.89 -8.67
N SER C 208 -26.73 10.40 -8.86
CA SER C 208 -26.89 11.61 -9.66
C SER C 208 -28.11 12.39 -9.19
N PHE C 209 -28.17 13.64 -9.64
CA PHE C 209 -29.33 14.48 -9.44
C PHE C 209 -29.49 15.36 -10.67
N ASN C 210 -30.65 16.00 -10.78
CA ASN C 210 -30.90 17.00 -11.81
C ASN C 210 -31.01 18.37 -11.15
N ARG C 211 -30.34 19.35 -11.74
CA ARG C 211 -30.30 20.68 -11.16
C ARG C 211 -31.68 21.33 -11.15
N GLY C 212 -32.01 21.97 -10.02
CA GLY C 212 -33.28 22.65 -9.87
C GLY C 212 -34.44 21.78 -9.46
N GLU C 213 -34.22 20.49 -9.24
CA GLU C 213 -35.27 19.55 -8.90
C GLU C 213 -34.99 18.96 -7.53
N CYS C 214 -36.02 18.88 -6.70
CA CYS C 214 -35.89 18.33 -5.35
C CYS C 214 -36.56 16.97 -5.24
N GLN D 1 -1.91 12.43 35.55
CA GLN D 1 -2.49 13.30 36.58
C GLN D 1 -2.51 14.76 36.12
N VAL D 2 -1.71 15.07 35.11
CA VAL D 2 -1.48 16.45 34.70
C VAL D 2 -1.98 16.63 33.28
N GLN D 3 -2.52 17.81 33.00
CA GLN D 3 -2.99 18.18 31.67
C GLN D 3 -2.22 19.40 31.20
N LEU D 4 -1.73 19.36 29.96
CA LEU D 4 -0.96 20.44 29.36
C LEU D 4 -1.72 20.99 28.16
N GLN D 5 -1.59 22.30 27.95
CA GLN D 5 -2.25 22.94 26.82
C GLN D 5 -1.36 24.04 26.26
N GLU D 6 -1.10 23.96 24.96
CA GLU D 6 -0.36 25.00 24.25
C GLU D 6 -1.31 26.13 23.87
N SER D 7 -0.76 27.32 23.73
CA SER D 7 -1.54 28.48 23.29
C SER D 7 -0.59 29.50 22.69
N GLY D 8 -1.11 30.28 21.75
CA GLY D 8 -0.32 31.25 21.04
C GLY D 8 -0.71 31.29 19.58
N PRO D 9 -0.17 32.25 18.83
CA PRO D 9 -0.55 32.39 17.42
C PRO D 9 -0.23 31.15 16.61
N GLY D 10 -1.17 30.76 15.75
CA GLY D 10 -0.96 29.69 14.81
C GLY D 10 -0.44 30.15 13.46
N LEU D 11 -0.10 31.44 13.34
CA LEU D 11 0.35 32.02 12.08
C LEU D 11 1.48 33.00 12.39
N VAL D 12 2.65 32.78 11.80
CA VAL D 12 3.81 33.62 12.00
C VAL D 12 4.39 34.01 10.64
N LYS D 13 4.68 35.30 10.47
CA LYS D 13 5.26 35.72 9.21
C LYS D 13 6.73 35.31 9.14
N PRO D 14 7.24 35.02 7.94
CA PRO D 14 8.63 34.58 7.79
C PRO D 14 9.61 35.59 8.39
N SER D 15 10.65 35.06 9.04
CA SER D 15 11.77 35.76 9.68
C SER D 15 11.39 36.37 11.02
N GLU D 16 10.15 36.23 11.47
CA GLU D 16 9.76 36.73 12.77
C GLU D 16 9.75 35.62 13.82
N THR D 17 9.35 35.97 15.04
CA THR D 17 9.55 35.14 16.22
C THR D 17 8.28 34.36 16.54
N LEU D 18 8.39 33.05 16.55
CA LEU D 18 7.31 32.17 17.00
C LEU D 18 7.30 32.13 18.52
N SER D 19 6.13 32.34 19.11
CA SER D 19 5.96 32.33 20.56
C SER D 19 4.79 31.43 20.94
N LEU D 20 5.03 30.52 21.90
CA LEU D 20 3.98 29.66 22.42
C LEU D 20 4.13 29.56 23.93
N THR D 21 3.01 29.32 24.61
CA THR D 21 2.99 29.13 26.05
C THR D 21 2.24 27.85 26.38
N CYS D 22 2.82 27.07 27.28
CA CYS D 22 2.19 25.88 27.82
C CYS D 22 1.66 26.19 29.21
N THR D 23 0.37 25.94 29.43
CA THR D 23 -0.23 26.10 30.75
C THR D 23 -0.44 24.71 31.36
N VAL D 24 0.17 24.49 32.51
CA VAL D 24 0.11 23.20 33.20
C VAL D 24 -0.92 23.31 34.32
N SER D 25 -1.87 22.37 34.32
CA SER D 25 -2.88 22.28 35.37
C SER D 25 -2.80 20.91 36.03
N GLY D 26 -3.01 20.88 37.34
CA GLY D 26 -3.02 19.65 38.10
C GLY D 26 -1.86 19.50 39.06
N ASP D 27 -0.72 20.12 38.79
CA ASP D 27 0.41 20.07 39.71
C ASP D 27 1.36 21.22 39.38
N SER D 28 2.23 21.51 40.35
CA SER D 28 3.14 22.64 40.25
C SER D 28 4.24 22.34 39.23
N ILE D 29 4.79 23.42 38.65
CA ILE D 29 5.90 23.27 37.70
C ILE D 29 7.14 22.75 38.41
N SER D 30 7.38 23.21 39.64
CA SER D 30 8.60 22.88 40.36
C SER D 30 8.52 21.48 40.96
N SER D 31 9.53 20.67 40.68
CA SER D 31 9.57 19.30 41.18
C SER D 31 10.97 18.74 40.97
N SER D 32 11.38 17.86 41.88
CA SER D 32 12.60 17.08 41.72
C SER D 32 12.38 15.85 40.84
N TYR D 33 11.14 15.56 40.45
CA TYR D 33 10.82 14.34 39.73
C TYR D 33 10.57 14.55 38.25
N TYR D 34 10.36 15.79 37.81
CA TYR D 34 10.13 16.03 36.39
C TYR D 34 10.52 17.46 36.05
N TYR D 35 10.69 17.70 34.75
CA TYR D 35 10.90 19.04 34.21
C TYR D 35 10.14 19.11 32.89
N TRP D 36 10.37 20.17 32.12
CA TRP D 36 9.48 20.51 31.02
C TRP D 36 10.27 20.87 29.77
N GLY D 37 9.65 20.66 28.61
CA GLY D 37 10.30 20.96 27.35
C GLY D 37 9.31 20.98 26.21
N TRP D 38 9.85 21.06 24.99
CA TRP D 38 9.08 21.25 23.77
C TRP D 38 9.49 20.27 22.69
N ILE D 39 8.50 19.75 21.98
CA ILE D 39 8.68 18.85 20.84
C ILE D 39 7.92 19.43 19.67
N ARG D 40 8.40 19.18 18.45
CA ARG D 40 7.65 19.54 17.26
C ARG D 40 7.67 18.39 16.26
N GLN D 41 6.68 18.41 15.38
CA GLN D 41 6.47 17.34 14.40
C GLN D 41 6.04 17.96 13.08
N SER D 42 6.74 17.61 12.02
CA SER D 42 6.39 18.05 10.68
C SER D 42 6.26 16.81 9.77
N PRO D 43 5.61 16.97 8.62
CA PRO D 43 5.55 15.85 7.67
C PRO D 43 6.91 15.31 7.24
N VAL D 44 7.82 16.20 6.82
CA VAL D 44 9.10 15.76 6.27
C VAL D 44 10.03 15.32 7.39
N LYS D 45 10.67 16.28 8.07
CA LYS D 45 11.33 15.97 9.34
C LYS D 45 10.31 15.39 10.30
N GLY D 46 10.69 14.34 11.02
CA GLY D 46 9.73 13.68 11.89
C GLY D 46 9.48 14.37 13.21
N LEU D 47 9.45 13.61 14.29
CA LEU D 47 9.41 14.19 15.62
C LEU D 47 10.78 14.74 15.98
N GLU D 48 10.81 15.97 16.48
CA GLU D 48 12.06 16.67 16.74
C GLU D 48 12.01 17.27 18.14
N TRP D 49 12.92 16.84 19.01
CA TRP D 49 13.04 17.43 20.34
C TRP D 49 13.67 18.81 20.25
N ILE D 50 13.01 19.80 20.83
CA ILE D 50 13.49 21.18 20.69
C ILE D 50 14.38 21.59 21.85
N GLY D 51 13.94 21.31 23.08
CA GLY D 51 14.71 21.72 24.23
C GLY D 51 13.90 21.59 25.50
N SER D 52 14.55 21.89 26.61
CA SER D 52 13.93 21.74 27.92
C SER D 52 14.60 22.68 28.92
N PHE D 53 14.04 22.74 30.12
CA PHE D 53 14.59 23.55 31.20
C PHE D 53 14.43 22.81 32.53
N PHE D 54 15.42 22.96 33.40
CA PHE D 54 15.28 22.50 34.77
C PHE D 54 14.73 23.61 35.66
N TYR D 55 15.21 24.84 35.46
CA TYR D 55 14.67 26.03 36.10
C TYR D 55 15.09 27.22 35.26
N SER D 56 14.68 28.42 35.70
CA SER D 56 15.01 29.62 34.95
C SER D 56 16.52 29.80 34.86
N GLY D 57 17.05 29.78 33.64
CA GLY D 57 18.47 29.95 33.41
C GLY D 57 19.24 28.66 33.24
N ASN D 58 18.65 27.52 33.58
CA ASN D 58 19.23 26.20 33.33
C ASN D 58 18.43 25.56 32.21
N THR D 59 18.86 25.81 30.98
CA THR D 59 18.16 25.33 29.79
C THR D 59 19.07 24.42 28.98
N ASN D 60 18.45 23.60 28.13
CA ASN D 60 19.15 22.70 27.24
C ASN D 60 18.38 22.66 25.93
N TYR D 61 19.02 23.06 24.83
CA TYR D 61 18.36 23.14 23.54
C TYR D 61 19.05 22.23 22.53
N ASN D 62 18.27 21.77 21.56
CA ASN D 62 18.81 21.04 20.43
C ASN D 62 19.84 21.90 19.69
N PRO D 63 21.06 21.40 19.46
CA PRO D 63 22.07 22.22 18.76
C PRO D 63 21.64 22.68 17.37
N SER D 64 20.76 21.95 16.68
CA SER D 64 20.28 22.41 15.38
C SER D 64 19.39 23.64 15.47
N LEU D 65 18.94 23.99 16.69
CA LEU D 65 18.10 25.16 16.91
C LEU D 65 18.64 26.12 17.96
N LYS D 66 19.75 25.78 18.64
CA LYS D 66 20.12 26.43 19.91
C LYS D 66 20.28 27.93 19.75
N SER D 67 20.73 28.40 18.58
CA SER D 67 20.93 29.83 18.41
C SER D 67 19.62 30.59 18.36
N ARG D 68 18.54 29.93 17.94
CA ARG D 68 17.27 30.60 17.67
C ARG D 68 16.21 30.39 18.74
N VAL D 69 16.43 29.52 19.72
CA VAL D 69 15.38 29.10 20.63
C VAL D 69 15.66 29.67 22.01
N THR D 70 14.59 30.07 22.70
CA THR D 70 14.61 30.44 24.11
C THR D 70 13.42 29.80 24.80
N ILE D 71 13.65 29.18 25.95
CA ILE D 71 12.59 28.63 26.78
C ILE D 71 12.61 29.37 28.12
N SER D 72 11.44 29.88 28.52
CA SER D 72 11.31 30.67 29.74
C SER D 72 10.23 30.08 30.63
N VAL D 73 10.28 30.46 31.91
CA VAL D 73 9.40 29.87 32.94
C VAL D 73 8.69 30.98 33.70
N ASP D 74 7.49 30.66 34.19
CA ASP D 74 6.72 31.51 35.11
C ASP D 74 6.00 30.58 36.08
N THR D 75 6.70 30.18 37.15
CA THR D 75 6.11 29.28 38.12
C THR D 75 4.91 29.88 38.83
N SER D 76 4.81 31.21 38.85
CA SER D 76 3.65 31.86 39.48
C SER D 76 2.37 31.59 38.71
N LYS D 77 2.45 31.61 37.37
CA LYS D 77 1.31 31.32 36.51
C LYS D 77 1.21 29.83 36.15
N ASN D 78 2.18 29.02 36.56
CA ASN D 78 2.25 27.60 36.20
C ASN D 78 2.42 27.42 34.69
N GLN D 79 3.27 28.26 34.09
CA GLN D 79 3.42 28.32 32.64
C GLN D 79 4.90 28.34 32.26
N PHE D 80 5.19 27.83 31.07
CA PHE D 80 6.49 28.02 30.44
C PHE D 80 6.28 28.27 28.95
N SER D 81 7.27 28.90 28.32
CA SER D 81 7.11 29.43 26.98
C SER D 81 8.19 28.93 26.05
N LEU D 82 7.92 29.06 24.75
CA LEU D 82 8.88 28.76 23.69
C LEU D 82 8.99 29.96 22.76
N ASN D 83 10.20 30.42 22.53
CA ASN D 83 10.48 31.47 21.55
C ASN D 83 11.43 30.90 20.50
N LEU D 84 11.02 30.92 19.24
CA LEU D 84 11.83 30.46 18.13
C LEU D 84 11.97 31.61 17.14
N ARG D 85 13.20 32.12 17.00
CA ARG D 85 13.45 33.33 16.24
C ARG D 85 13.68 33.02 14.76
N SER D 86 13.47 34.05 13.94
CA SER D 86 13.79 34.04 12.51
C SER D 86 13.24 32.80 11.81
N VAL D 87 11.92 32.63 11.89
CA VAL D 87 11.30 31.42 11.35
C VAL D 87 11.34 31.44 9.83
N THR D 88 11.33 30.25 9.24
CA THR D 88 11.19 30.03 7.81
C THR D 88 10.13 28.94 7.60
N ALA D 89 9.88 28.60 6.33
CA ALA D 89 8.93 27.53 6.02
C ALA D 89 9.32 26.23 6.70
N ALA D 90 10.60 26.03 6.99
CA ALA D 90 11.07 24.80 7.62
C ALA D 90 10.56 24.64 9.04
N ASP D 91 10.04 25.70 9.65
CA ASP D 91 9.58 25.65 11.04
C ASP D 91 8.08 25.43 11.15
N THR D 92 7.35 25.33 10.03
CA THR D 92 5.95 24.96 10.08
C THR D 92 5.83 23.54 10.62
N ALA D 93 5.07 23.39 11.71
CA ALA D 93 5.01 22.11 12.42
C ALA D 93 3.90 22.18 13.46
N VAL D 94 3.58 21.02 14.01
CA VAL D 94 2.77 20.94 15.22
C VAL D 94 3.73 20.95 16.40
N TYR D 95 3.53 21.89 17.33
CA TYR D 95 4.42 22.08 18.47
C TYR D 95 3.77 21.53 19.73
N TYR D 96 4.48 20.64 20.42
CA TYR D 96 4.00 20.00 21.63
C TYR D 96 4.83 20.44 22.83
N CYS D 97 4.17 20.72 23.95
CA CYS D 97 4.85 20.79 25.23
C CYS D 97 4.66 19.46 25.96
N ALA D 98 5.67 19.07 26.73
CA ALA D 98 5.70 17.72 27.27
C ALA D 98 6.47 17.69 28.58
N ARG D 99 5.96 16.91 29.53
CA ARG D 99 6.61 16.71 30.82
C ARG D 99 7.70 15.66 30.69
N HIS D 100 8.93 16.05 31.05
CA HIS D 100 10.07 15.14 31.06
C HIS D 100 10.21 14.55 32.45
N VAL D 101 10.23 13.22 32.55
CA VAL D 101 10.29 12.52 33.83
C VAL D 101 11.67 11.91 33.99
N THR D 102 12.31 12.17 35.13
CA THR D 102 13.63 11.61 35.41
C THR D 102 13.54 10.17 35.87
N SER D 103 14.56 9.39 35.57
CA SER D 103 14.66 7.99 35.95
C SER D 103 15.73 7.71 36.98
N ILE D 104 16.89 8.35 36.86
CA ILE D 104 18.00 8.11 37.77
C ILE D 104 18.13 9.27 38.75
N ARG D 109 19.42 11.27 32.13
CA ARG D 109 19.55 10.06 31.34
C ARG D 109 18.47 9.03 31.69
N GLY D 110 17.82 8.48 30.67
CA GLY D 110 16.66 7.65 30.86
C GLY D 110 15.35 8.40 30.98
N VAL D 111 15.33 9.66 30.55
CA VAL D 111 14.14 10.49 30.67
C VAL D 111 13.08 10.03 29.67
N TYR D 112 11.81 10.11 30.06
CA TYR D 112 10.72 9.80 29.16
C TYR D 112 9.65 10.89 29.26
N LEU D 113 8.83 10.98 28.22
CA LEU D 113 7.84 12.05 28.06
C LEU D 113 6.46 11.46 28.30
N ASP D 114 5.92 11.68 29.51
CA ASP D 114 4.72 10.97 29.94
C ASP D 114 3.43 11.76 29.75
N SER D 115 3.50 13.08 29.59
CA SER D 115 2.32 13.87 29.33
C SER D 115 2.62 14.86 28.23
N TRP D 116 1.73 14.95 27.25
CA TRP D 116 1.88 15.83 26.11
C TRP D 116 0.69 16.77 26.02
N GLY D 117 0.95 17.99 25.57
CA GLY D 117 -0.14 18.87 25.20
C GLY D 117 -0.86 18.38 23.96
N ARG D 118 -1.99 19.02 23.67
CA ARG D 118 -2.75 18.63 22.48
C ARG D 118 -2.01 18.94 21.20
N GLY D 119 -1.05 19.87 21.24
CA GLY D 119 -0.32 20.25 20.05
C GLY D 119 -0.91 21.48 19.40
N ALA D 120 -0.05 22.43 19.02
CA ALA D 120 -0.47 23.64 18.34
C ALA D 120 0.20 23.68 16.98
N LEU D 121 -0.62 23.80 15.93
CA LEU D 121 -0.11 23.95 14.57
C LEU D 121 0.33 25.40 14.35
N VAL D 122 1.58 25.59 13.94
CA VAL D 122 2.08 26.91 13.58
C VAL D 122 2.47 26.87 12.11
N THR D 123 1.85 27.74 11.32
CA THR D 123 2.18 27.88 9.90
C THR D 123 3.00 29.15 9.70
N VAL D 124 4.16 29.01 9.07
CA VAL D 124 4.97 30.16 8.68
C VAL D 124 4.52 30.60 7.30
N SER D 125 3.99 31.82 7.19
CA SER D 125 3.39 32.30 5.96
C SER D 125 3.08 33.78 6.07
N SER D 126 3.05 34.46 4.94
CA SER D 126 2.68 35.87 4.88
C SER D 126 1.19 36.09 4.60
N ALA D 127 0.42 35.02 4.41
CA ALA D 127 -0.98 35.19 4.05
C ALA D 127 -1.79 35.71 5.24
N SER D 128 -2.91 36.35 4.94
CA SER D 128 -3.78 36.94 5.94
C SER D 128 -4.81 35.92 6.42
N THR D 129 -5.48 36.24 7.51
CA THR D 129 -6.47 35.36 8.11
C THR D 129 -7.83 35.57 7.46
N LYS D 130 -8.51 34.47 7.15
CA LYS D 130 -9.83 34.51 6.53
C LYS D 130 -10.71 33.45 7.17
N GLY D 131 -11.92 33.86 7.56
CA GLY D 131 -12.87 32.94 8.16
C GLY D 131 -13.70 32.22 7.14
N PRO D 132 -14.17 31.03 7.48
CA PRO D 132 -14.88 30.20 6.51
C PRO D 132 -16.34 30.59 6.34
N SER D 133 -16.88 30.23 5.19
CA SER D 133 -18.32 30.15 4.99
C SER D 133 -18.75 28.71 5.22
N VAL D 134 -19.93 28.52 5.80
CA VAL D 134 -20.45 27.20 6.11
C VAL D 134 -21.73 26.99 5.33
N PHE D 135 -21.78 25.90 4.57
CA PHE D 135 -22.92 25.55 3.74
C PHE D 135 -23.43 24.16 4.10
N PRO D 136 -24.74 23.95 4.10
CA PRO D 136 -25.28 22.63 4.40
C PRO D 136 -25.15 21.67 3.23
N LEU D 137 -24.90 20.40 3.57
CA LEU D 137 -25.02 19.28 2.64
C LEU D 137 -26.31 18.58 3.03
N ALA D 138 -27.41 18.98 2.38
CA ALA D 138 -28.73 18.54 2.84
C ALA D 138 -28.99 17.09 2.42
N PRO D 139 -29.61 16.30 3.29
CA PRO D 139 -29.87 14.90 2.95
C PRO D 139 -30.81 14.78 1.76
N SER D 140 -30.55 13.79 0.91
CA SER D 140 -31.37 13.56 -0.27
C SER D 140 -32.68 12.88 0.12
N SER D 141 -33.75 13.22 -0.62
CA SER D 141 -35.06 12.64 -0.37
C SER D 141 -35.12 11.18 -0.78
N GLY D 147 -32.66 3.18 4.10
CA GLY D 147 -32.55 2.89 5.52
C GLY D 147 -31.62 3.82 6.27
N THR D 148 -30.60 4.32 5.57
CA THR D 148 -29.61 5.23 6.15
C THR D 148 -29.41 6.42 5.24
N ALA D 149 -29.39 7.62 5.83
CA ALA D 149 -29.20 8.86 5.10
C ALA D 149 -27.89 9.52 5.52
N ALA D 150 -27.37 10.36 4.64
CA ALA D 150 -26.16 11.11 4.91
C ALA D 150 -26.46 12.61 4.82
N LEU D 151 -25.89 13.37 5.75
CA LEU D 151 -25.95 14.82 5.72
C LEU D 151 -24.61 15.35 6.19
N GLY D 152 -24.39 16.65 6.02
CA GLY D 152 -23.12 17.19 6.40
C GLY D 152 -23.06 18.70 6.27
N CYS D 153 -21.85 19.23 6.45
CA CYS D 153 -21.57 20.65 6.33
C CYS D 153 -20.31 20.84 5.49
N LEU D 154 -20.36 21.81 4.58
CA LEU D 154 -19.20 22.21 3.79
C LEU D 154 -18.61 23.48 4.38
N VAL D 155 -17.34 23.43 4.76
CA VAL D 155 -16.64 24.54 5.39
C VAL D 155 -15.59 25.02 4.42
N LYS D 156 -15.83 26.17 3.79
CA LYS D 156 -15.13 26.57 2.58
C LYS D 156 -14.42 27.90 2.74
N ASP D 157 -13.21 27.97 2.18
CA ASP D 157 -12.46 29.21 1.95
C ASP D 157 -11.98 29.86 3.25
N TYR D 158 -11.07 29.20 3.96
CA TYR D 158 -10.50 29.76 5.18
C TYR D 158 -8.99 29.60 5.20
N PHE D 159 -8.35 30.34 6.10
CA PHE D 159 -6.92 30.33 6.32
C PHE D 159 -6.65 31.01 7.65
N PRO D 160 -5.72 30.52 8.46
CA PRO D 160 -5.01 29.26 8.28
C PRO D 160 -5.79 28.08 8.86
N GLU D 161 -5.16 26.91 8.88
CA GLU D 161 -5.71 25.79 9.63
C GLU D 161 -5.51 26.05 11.13
N PRO D 162 -6.30 25.38 11.99
CA PRO D 162 -7.36 24.43 11.71
C PRO D 162 -8.78 24.96 11.91
N VAL D 163 -9.72 24.17 11.41
CA VAL D 163 -11.14 24.31 11.72
C VAL D 163 -11.57 23.06 12.49
N THR D 164 -12.37 23.23 13.52
CA THR D 164 -12.99 22.11 14.20
C THR D 164 -14.49 22.12 13.95
N VAL D 165 -15.05 20.92 13.82
CA VAL D 165 -16.48 20.74 13.58
C VAL D 165 -17.01 19.72 14.58
N SER D 166 -18.11 20.07 15.24
CA SER D 166 -18.87 19.14 16.04
C SER D 166 -20.30 19.12 15.52
N TRP D 167 -21.07 18.15 15.99
CA TRP D 167 -22.48 18.03 15.61
C TRP D 167 -23.33 18.02 16.88
N ASN D 168 -24.38 18.84 16.88
CA ASN D 168 -25.28 18.98 18.02
C ASN D 168 -24.50 19.23 19.31
N SER D 169 -23.56 20.18 19.23
CA SER D 169 -22.70 20.58 20.33
C SER D 169 -21.88 19.42 20.90
N GLY D 170 -21.67 18.38 20.11
CA GLY D 170 -20.89 17.23 20.54
C GLY D 170 -21.69 16.04 21.00
N ALA D 171 -23.02 16.12 21.01
CA ALA D 171 -23.84 14.96 21.39
C ALA D 171 -23.88 13.89 20.29
N LEU D 172 -23.66 14.27 19.04
CA LEU D 172 -23.64 13.33 17.93
C LEU D 172 -22.19 13.12 17.50
N THR D 173 -21.68 11.91 17.71
CA THR D 173 -20.31 11.58 17.30
C THR D 173 -20.27 10.29 16.49
N SER D 174 -21.21 9.38 16.74
CA SER D 174 -21.25 8.13 15.98
C SER D 174 -21.55 8.40 14.52
N GLY D 175 -20.76 7.80 13.63
CA GLY D 175 -20.96 7.97 12.20
C GLY D 175 -20.43 9.27 11.64
N VAL D 176 -19.73 10.07 12.43
CA VAL D 176 -19.21 11.36 11.98
C VAL D 176 -17.86 11.14 11.30
N HIS D 177 -17.69 11.75 10.13
CA HIS D 177 -16.41 11.79 9.43
C HIS D 177 -16.11 13.23 9.07
N THR D 178 -15.09 13.81 9.71
CA THR D 178 -14.61 15.14 9.36
C THR D 178 -13.33 14.95 8.55
N PHE D 179 -13.39 15.26 7.27
CA PHE D 179 -12.32 14.97 6.34
C PHE D 179 -11.16 15.95 6.51
N PRO D 180 -9.94 15.52 6.23
CA PRO D 180 -8.80 16.45 6.26
C PRO D 180 -9.03 17.62 5.31
N ALA D 181 -8.70 18.82 5.78
CA ALA D 181 -8.81 20.00 4.93
C ALA D 181 -7.95 19.80 3.68
N VAL D 182 -8.43 20.35 2.57
CA VAL D 182 -7.70 20.31 1.31
C VAL D 182 -7.41 21.74 0.87
N LEU D 183 -6.21 21.95 0.34
CA LEU D 183 -5.78 23.27 -0.11
C LEU D 183 -6.29 23.51 -1.54
N GLN D 184 -7.06 24.58 -1.72
CA GLN D 184 -7.58 24.90 -3.05
C GLN D 184 -6.55 25.69 -3.85
N SER D 185 -6.86 25.90 -5.14
CA SER D 185 -5.98 26.69 -6.01
C SER D 185 -5.81 28.11 -5.50
N SER D 186 -6.80 28.63 -4.78
CA SER D 186 -6.71 29.96 -4.19
C SER D 186 -5.74 30.03 -3.01
N GLY D 187 -5.26 28.89 -2.53
CA GLY D 187 -4.51 28.88 -1.28
C GLY D 187 -5.37 28.87 -0.05
N LEU D 188 -6.69 28.88 -0.21
CA LEU D 188 -7.61 28.77 0.90
C LEU D 188 -7.98 27.31 1.12
N TYR D 189 -8.18 26.95 2.39
CA TYR D 189 -8.54 25.59 2.74
C TYR D 189 -10.03 25.37 2.60
N SER D 190 -10.41 24.10 2.52
CA SER D 190 -11.81 23.69 2.46
C SER D 190 -11.92 22.26 3.00
N LEU D 191 -12.95 22.01 3.80
CA LEU D 191 -13.22 20.65 4.24
C LEU D 191 -14.72 20.45 4.36
N SER D 192 -15.12 19.19 4.43
CA SER D 192 -16.50 18.83 4.72
C SER D 192 -16.55 17.88 5.91
N SER D 193 -17.65 17.95 6.64
CA SER D 193 -17.95 17.02 7.71
C SER D 193 -19.29 16.38 7.43
N VAL D 194 -19.33 15.05 7.46
CA VAL D 194 -20.56 14.31 7.17
C VAL D 194 -20.87 13.39 8.33
N VAL D 195 -22.12 12.93 8.36
CA VAL D 195 -22.57 11.96 9.35
C VAL D 195 -23.71 11.16 8.74
N THR D 196 -23.74 9.86 9.02
CA THR D 196 -24.84 9.01 8.58
C THR D 196 -25.81 8.81 9.75
N VAL D 197 -27.10 8.86 9.43
CA VAL D 197 -28.18 8.82 10.43
C VAL D 197 -29.32 7.98 9.87
N PRO D 198 -30.21 7.49 10.74
CA PRO D 198 -31.39 6.79 10.22
C PRO D 198 -32.30 7.73 9.45
N SER D 199 -32.80 7.25 8.31
CA SER D 199 -33.70 8.07 7.49
C SER D 199 -34.99 8.41 8.24
N SER D 200 -35.39 7.58 9.21
CA SER D 200 -36.65 7.82 9.91
C SER D 200 -36.57 9.03 10.84
N SER D 201 -35.37 9.37 11.32
CA SER D 201 -35.22 10.49 12.24
C SER D 201 -35.15 11.84 11.53
N LEU D 202 -35.08 11.85 10.20
CA LEU D 202 -35.13 13.11 9.46
C LEU D 202 -36.51 13.74 9.60
N GLY D 203 -36.54 14.94 10.15
CA GLY D 203 -37.81 15.61 10.40
C GLY D 203 -38.17 15.65 11.87
N THR D 204 -37.85 14.57 12.60
CA THR D 204 -38.02 14.55 14.04
C THR D 204 -36.77 15.03 14.78
N GLN D 205 -35.59 14.72 14.24
CA GLN D 205 -34.33 15.03 14.89
C GLN D 205 -33.67 16.23 14.21
N THR D 206 -33.27 17.21 15.01
CA THR D 206 -32.58 18.40 14.51
C THR D 206 -31.08 18.13 14.46
N TYR D 207 -30.46 18.48 13.35
CA TYR D 207 -29.03 18.28 13.14
C TYR D 207 -28.36 19.62 12.92
N ILE D 208 -27.40 19.97 13.77
CA ILE D 208 -26.65 21.21 13.68
C ILE D 208 -25.18 20.89 13.70
N CYS D 209 -24.42 21.46 12.77
CA CYS D 209 -22.96 21.37 12.79
C CYS D 209 -22.39 22.65 13.39
N ASN D 210 -21.44 22.50 14.30
CA ASN D 210 -20.84 23.60 15.03
C ASN D 210 -19.41 23.77 14.54
N VAL D 211 -19.18 24.84 13.78
CA VAL D 211 -17.87 25.11 13.18
C VAL D 211 -17.18 26.18 13.99
N ASN D 212 -15.92 25.96 14.32
CA ASN D 212 -15.11 26.96 15.01
C ASN D 212 -13.81 27.16 14.27
N HIS D 213 -13.51 28.41 13.93
CA HIS D 213 -12.23 28.81 13.34
C HIS D 213 -11.69 29.90 14.24
N LYS D 214 -10.88 29.50 15.23
CA LYS D 214 -10.39 30.42 16.25
C LYS D 214 -9.45 31.52 15.73
N PRO D 215 -8.66 31.30 14.66
CA PRO D 215 -7.83 32.42 14.17
C PRO D 215 -8.66 33.63 13.75
N SER D 216 -9.82 33.43 13.14
CA SER D 216 -10.68 34.54 12.73
C SER D 216 -11.81 34.78 13.71
N ASN D 217 -11.81 34.09 14.85
CA ASN D 217 -12.88 34.21 15.86
C ASN D 217 -14.25 33.94 15.23
N THR D 218 -14.31 32.92 14.38
CA THR D 218 -15.51 32.55 13.66
C THR D 218 -16.13 31.32 14.33
N LYS D 219 -17.40 31.43 14.73
CA LYS D 219 -18.12 30.35 15.39
C LYS D 219 -19.52 30.31 14.79
N VAL D 220 -19.84 29.25 14.07
CA VAL D 220 -21.06 29.17 13.29
C VAL D 220 -21.82 27.91 13.66
N ASP D 221 -23.11 28.06 13.93
CA ASP D 221 -24.04 26.94 14.10
C ASP D 221 -24.94 26.88 12.87
N LYS D 222 -24.83 25.81 12.10
CA LYS D 222 -25.60 25.65 10.87
C LYS D 222 -26.50 24.43 11.00
N ARG D 223 -27.80 24.63 10.86
CA ARG D 223 -28.76 23.54 10.89
C ARG D 223 -28.91 22.96 9.49
N VAL D 224 -28.81 21.64 9.39
CA VAL D 224 -28.89 20.93 8.12
C VAL D 224 -30.24 20.22 8.08
N GLU D 225 -31.15 20.71 7.23
CA GLU D 225 -32.49 20.17 7.11
C GLU D 225 -32.70 19.55 5.73
N PRO D 226 -33.54 18.53 5.62
CA PRO D 226 -33.95 18.05 4.29
C PRO D 226 -34.54 19.16 3.44
N LYS D 227 -34.35 19.04 2.13
CA LYS D 227 -34.87 20.01 1.17
C LYS D 227 -35.92 19.37 0.27
P PO4 E . -2.71 -37.83 11.50
O1 PO4 E . -1.88 -36.58 11.71
O2 PO4 E . -4.13 -37.58 11.96
O3 PO4 E . -2.10 -38.96 12.30
O4 PO4 E . -2.70 -38.19 10.03
#